data_8QW6
#
_entry.id   8QW6
#
_cell.length_a   70.207
_cell.length_b   72.298
_cell.length_c   80.794
_cell.angle_alpha   112.250
_cell.angle_beta   100.610
_cell.angle_gamma   100.570
#
_symmetry.space_group_name_H-M   'P 1'
#
loop_
_entity.id
_entity.type
_entity.pdbx_description
1 polymer Elongin-B
2 polymer Elongin-C
3 polymer 'von Hippel-Lindau disease tumor suppressor'
4 polymer 'GTPase KRas'
5 non-polymer "GUANOSINE-5'-DIPHOSPHATE"
6 non-polymer (2S,4R)-1-[(2S)-2-[6-[(3S)-4-[4-[5-[(4S)-2-azanyl-3-cyano-4-methyl-6,7-dihydro-5H-1-benzothiophen-4-yl]-1,2,4-oxadiazol-3-yl]pyrimidin-2-yl]-3-methyl-1,4-diazepan-1-yl]hexanoylamino]-3,3-dimethyl-butanoyl]-N-[[4-(4-methyl-1,3-thiazol-5-yl)phenyl]methyl]-4-oxidanyl-pyrrolidine-2-carboxamide
7 non-polymer 'MAGNESIUM ION'
8 water water
#
loop_
_entity_poly.entity_id
_entity_poly.type
_entity_poly.pdbx_seq_one_letter_code
_entity_poly.pdbx_strand_id
1 'polypeptide(L)'
;MDVFLMIRRHKTTIFTDAKESSTVFELKRIVEGILKRPPDEQRLYKDDQLLDDGKTLGECGFTSQTARPQAPATVGLAFR
ADDTFEALCIEPFSSPPELPDVMK
;
H,D
2 'polypeptide(L)'
;MMYVKLISSDGHEFIVKREHALTSGTIKAMLSGPGQFAENETNEVNFREIPSHVLSKVCMYFTYKVRYTNSSTEIPEFPI
APEIALELLMAANFLDC
;
G,C
3 'polypeptide(L)'
;GSMEAGRPRPVLRSVNSREPSQVIFCNRSPRVVLPVWLNFDGEPQPYPTLPPGTGRRIHSYRGHLWLFRDAGTHDGLLVN
QTELFVPSLNVDGQPIFANITLPVYTLKERCLQVVRSLVKPENYRRLDIVRSLYEDLEDHPNVQKDLERLTQERIAHQRM
GD
;
F,B
4 'polypeptide(L)'
;GMTEYKLVVVGAVGVGKSALTIQLIQNHFVDEYDPTIEDSYRKQVVIDGETCLLDILDTAGQEEYSAMRDQYMRTGEGFL
CVFAINNTKSFEDIHHYREQIKRVKDSEDVPMVLVGNKSDLPSRTVDTKQAQDLARSYGIPFIETSAKTRQGVDDAFYTL
VREIRKHKEK
;
E,A
#
loop_
_chem_comp.id
_chem_comp.type
_chem_comp.name
_chem_comp.formula
GDP RNA linking GUANOSINE-5'-DIPHOSPHATE 'C10 H15 N5 O11 P2'
MG non-polymer 'MAGNESIUM ION' 'Mg 2'
X4R non-polymer (2S,4R)-1-[(2S)-2-[6-[(3S)-4-[4-[5-[(4S)-2-azanyl-3-cyano-4-methyl-6,7-dihydro-5H-1-benzothiophen-4-yl]-1,2,4-oxadiazol-3-yl]pyrimidin-2-yl]-3-methyl-1,4-diazepan-1-yl]hexanoylamino]-3,3-dimethyl-butanoyl]-N-[[4-(4-methyl-1,3-thiazol-5-yl)phenyl]methyl]-4-oxidanyl-pyrrolidine-2-carboxamide 'C50 H64 N12 O5 S2'
#
# COMPACT_ATOMS: atom_id res chain seq x y z
N MET A 1 -7.02 -0.47 17.12
CA MET A 1 -7.47 0.21 15.93
C MET A 1 -8.60 1.07 16.30
N ASP A 2 -8.52 2.31 15.91
CA ASP A 2 -9.52 3.25 16.27
C ASP A 2 -10.77 3.22 15.45
N VAL A 3 -11.88 3.54 16.09
CA VAL A 3 -13.13 3.65 15.41
C VAL A 3 -13.48 5.10 15.64
N PHE A 4 -13.98 5.76 14.61
CA PHE A 4 -14.33 7.19 14.72
C PHE A 4 -15.84 7.32 14.79
N LEU A 5 -16.34 7.96 15.85
CA LEU A 5 -17.81 7.95 16.04
C LEU A 5 -18.48 9.33 16.16
N MET A 6 -19.80 9.34 16.06
CA MET A 6 -20.61 10.56 16.29
C MET A 6 -21.70 10.16 17.29
N ILE A 7 -21.50 10.44 18.58
CA ILE A 7 -22.49 10.11 19.65
C ILE A 7 -23.59 11.18 19.57
N ARG A 8 -24.83 10.78 19.33
CA ARG A 8 -25.86 11.79 19.05
C ARG A 8 -27.08 11.78 19.96
N ARG A 9 -27.47 12.96 20.47
CA ARG A 9 -28.69 13.07 21.32
C ARG A 9 -29.37 14.41 21.00
N HIS A 10 -30.66 14.38 20.66
CA HIS A 10 -31.41 15.60 20.27
C HIS A 10 -30.59 16.35 19.23
N LYS A 11 -30.27 17.61 19.48
CA LYS A 11 -29.45 18.40 18.53
C LYS A 11 -28.02 18.52 19.05
N THR A 12 -27.58 17.52 19.82
CA THR A 12 -26.16 17.48 20.28
C THR A 12 -25.49 16.27 19.61
N THR A 13 -24.43 16.49 18.83
CA THR A 13 -23.65 15.42 18.16
C THR A 13 -22.18 15.59 18.54
N ILE A 14 -21.55 14.56 19.08
CA ILE A 14 -20.13 14.64 19.56
C ILE A 14 -19.22 13.85 18.62
N PHE A 15 -18.13 14.48 18.20
CA PHE A 15 -17.15 13.77 17.35
C PHE A 15 -15.96 13.35 18.21
N THR A 16 -15.88 12.07 18.53
CA THR A 16 -14.78 11.55 19.24
C THR A 16 -14.29 10.28 18.64
N ASP A 17 -13.12 9.83 19.08
CA ASP A 17 -12.54 8.60 18.61
C ASP A 17 -12.44 7.68 19.79
N ALA A 18 -12.38 6.40 19.46
CA ALA A 18 -12.29 5.35 20.48
C ALA A 18 -11.61 4.13 19.89
N LYS A 19 -11.07 3.27 20.73
CA LYS A 19 -10.42 2.03 20.25
C LYS A 19 -11.51 0.95 20.05
N GLU A 20 -11.34 0.10 19.03
CA GLU A 20 -12.31 -0.96 18.73
C GLU A 20 -12.43 -1.86 19.97
N SER A 21 -11.37 -1.93 20.76
CA SER A 21 -11.35 -2.79 21.97
C SER A 21 -11.99 -2.06 23.15
N SER A 22 -12.34 -0.78 23.00
CA SER A 22 -12.89 0.04 24.12
C SER A 22 -14.20 -0.56 24.57
N THR A 23 -14.50 -0.53 25.87
CA THR A 23 -15.82 -1.08 26.21
C THR A 23 -16.86 -0.04 26.09
N VAL A 24 -18.10 -0.46 25.94
CA VAL A 24 -19.21 0.45 25.83
C VAL A 24 -19.28 1.28 27.11
N PHE A 25 -18.95 0.69 28.25
CA PHE A 25 -18.95 1.39 29.51
C PHE A 25 -17.99 2.49 29.41
N GLU A 26 -16.79 2.23 28.94
CA GLU A 26 -15.77 3.21 28.83
C GLU A 26 -16.22 4.29 27.93
N LEU A 27 -17.00 3.97 26.89
CA LEU A 27 -17.49 5.02 26.02
C LEU A 27 -18.39 5.99 26.81
N LYS A 28 -19.20 5.48 27.74
CA LYS A 28 -20.10 6.35 28.54
C LYS A 28 -19.29 7.28 29.43
N ARG A 29 -18.14 6.81 29.89
CA ARG A 29 -17.26 7.70 30.69
C ARG A 29 -16.83 8.86 29.80
N ILE A 30 -16.52 8.63 28.52
CA ILE A 30 -16.02 9.77 27.68
C ILE A 30 -17.12 10.82 27.56
N VAL A 31 -18.37 10.40 27.38
CA VAL A 31 -19.52 11.34 27.27
C VAL A 31 -19.67 12.08 28.60
N GLU A 32 -19.44 11.40 29.71
CA GLU A 32 -19.54 12.01 31.07
C GLU A 32 -18.53 13.15 31.18
N GLY A 33 -17.36 12.99 30.58
CA GLY A 33 -16.38 14.09 30.56
C GLY A 33 -16.92 15.30 29.84
N ILE A 34 -17.71 15.09 28.79
CA ILE A 34 -18.21 16.22 27.95
C ILE A 34 -19.60 16.70 28.41
N LEU A 35 -20.57 15.81 28.61
CA LEU A 35 -21.95 16.26 28.93
C LEU A 35 -22.17 16.18 30.45
N LYS A 36 -21.17 15.74 31.20
CA LYS A 36 -21.22 15.75 32.69
C LYS A 36 -22.48 15.04 33.18
N ARG A 37 -22.80 13.89 32.58
CA ARG A 37 -23.94 13.08 33.06
C ARG A 37 -23.39 11.68 33.25
N PRO A 38 -23.69 11.01 34.38
CA PRO A 38 -23.09 9.72 34.68
C PRO A 38 -23.40 8.55 33.76
N PRO A 39 -22.54 7.52 33.74
CA PRO A 39 -22.78 6.35 32.93
C PRO A 39 -24.13 5.68 33.27
N ASP A 40 -24.48 5.62 34.55
CA ASP A 40 -25.78 5.07 34.99
C ASP A 40 -26.92 5.88 34.35
N GLU A 41 -26.64 7.12 33.99
CA GLU A 41 -27.66 7.98 33.35
C GLU A 41 -27.50 7.99 31.83
N GLN A 42 -26.67 7.13 31.25
CA GLN A 42 -26.60 7.16 29.78
C GLN A 42 -27.05 5.84 29.17
N ARG A 43 -27.76 5.87 28.06
CA ARG A 43 -28.08 4.61 27.33
C ARG A 43 -27.54 4.79 25.90
N LEU A 44 -26.66 3.89 25.48
CA LEU A 44 -26.02 4.04 24.16
C LEU A 44 -26.62 3.00 23.23
N TYR A 45 -26.89 3.39 22.01
CA TYR A 45 -27.49 2.52 21.05
C TYR A 45 -26.76 2.53 19.74
N LYS A 46 -26.81 1.46 18.97
CA LYS A 46 -26.30 1.47 17.62
C LYS A 46 -27.58 1.28 16.83
N ASP A 47 -27.94 2.24 16.00
CA ASP A 47 -29.20 2.23 15.30
C ASP A 47 -30.25 2.20 16.42
N ASP A 48 -31.09 1.19 16.61
CA ASP A 48 -31.99 1.20 17.71
C ASP A 48 -31.83 0.03 18.64
N GLN A 49 -30.76 -0.73 18.49
CA GLN A 49 -30.41 -1.84 19.29
C GLN A 49 -29.58 -1.30 20.42
N LEU A 50 -29.91 -1.62 21.63
CA LEU A 50 -29.30 -1.10 22.75
C LEU A 50 -28.04 -1.78 23.08
N LEU A 51 -27.03 -1.09 23.50
CA LEU A 51 -25.77 -1.68 23.75
C LEU A 51 -25.55 -2.04 25.18
N ASP A 52 -24.81 -3.09 25.43
CA ASP A 52 -24.47 -3.47 26.79
C ASP A 52 -23.08 -3.03 27.19
N ASP A 53 -22.93 -2.51 28.39
CA ASP A 53 -21.64 -1.97 28.83
C ASP A 53 -20.42 -2.86 28.64
N GLY A 54 -20.55 -4.13 28.92
CA GLY A 54 -19.41 -5.02 28.85
C GLY A 54 -19.04 -5.47 27.47
N LYS A 55 -19.85 -5.15 26.50
CA LYS A 55 -19.51 -5.49 25.17
C LYS A 55 -18.55 -4.42 24.71
N THR A 56 -17.75 -4.72 23.70
CA THR A 56 -16.81 -3.76 23.22
C THR A 56 -17.28 -3.20 21.92
N LEU A 57 -16.75 -2.07 21.55
CA LEU A 57 -17.21 -1.40 20.38
C LEU A 57 -17.25 -2.33 19.23
N GLY A 58 -16.18 -3.08 19.06
CA GLY A 58 -16.14 -4.06 18.00
C GLY A 58 -17.36 -4.94 18.03
N GLU A 59 -17.52 -5.68 19.11
CA GLU A 59 -18.66 -6.58 19.19
C GLU A 59 -20.04 -5.96 18.92
N CYS A 60 -20.19 -4.66 19.13
CA CYS A 60 -21.42 -3.96 18.84
C CYS A 60 -21.53 -3.61 17.36
N GLY A 61 -20.45 -3.59 16.64
CA GLY A 61 -20.53 -3.31 15.21
C GLY A 61 -19.65 -2.24 14.64
N PHE A 62 -19.12 -1.46 15.55
CA PHE A 62 -18.27 -0.37 15.24
C PHE A 62 -16.90 -0.96 14.98
N THR A 63 -16.38 -0.76 13.81
CA THR A 63 -15.17 -1.33 13.37
C THR A 63 -14.47 -0.38 12.49
N SER A 64 -13.16 -0.49 12.35
CA SER A 64 -12.40 0.37 11.47
C SER A 64 -12.99 0.69 10.10
N GLN A 65 -13.67 -0.23 9.44
CA GLN A 65 -14.20 0.13 8.16
C GLN A 65 -15.61 0.57 8.26
N THR A 66 -16.24 0.42 9.39
CA THR A 66 -17.55 1.00 9.53
C THR A 66 -17.46 2.30 10.25
N ALA A 67 -16.37 2.62 10.90
CA ALA A 67 -16.29 3.82 11.62
C ALA A 67 -15.07 4.56 11.16
N ARG A 68 -15.07 5.12 9.99
CA ARG A 68 -13.88 5.75 9.49
C ARG A 68 -13.85 7.27 9.80
N PRO A 69 -12.67 7.89 9.87
CA PRO A 69 -12.60 9.32 10.13
C PRO A 69 -13.55 10.11 9.22
N GLN A 70 -13.48 9.86 7.93
CA GLN A 70 -14.28 10.55 6.99
C GLN A 70 -15.71 10.11 6.81
N ALA A 71 -16.19 9.21 7.61
CA ALA A 71 -17.51 8.62 7.51
C ALA A 71 -17.78 7.88 8.80
N PRO A 72 -17.91 8.56 9.92
CA PRO A 72 -18.06 7.86 11.15
C PRO A 72 -19.37 7.19 11.41
N ALA A 73 -19.34 6.33 12.39
CA ALA A 73 -20.43 5.56 12.76
C ALA A 73 -21.22 6.32 13.77
N THR A 74 -22.53 6.26 13.68
CA THR A 74 -23.37 6.97 14.62
C THR A 74 -23.74 6.12 15.83
N VAL A 75 -23.49 6.60 17.04
CA VAL A 75 -23.80 5.94 18.27
C VAL A 75 -24.91 6.72 18.94
N GLY A 76 -26.09 6.17 19.10
CA GLY A 76 -27.15 6.92 19.72
C GLY A 76 -27.08 6.99 21.20
N LEU A 77 -27.50 8.11 21.78
CA LEU A 77 -27.47 8.31 23.24
C LEU A 77 -28.79 8.84 23.77
N ALA A 78 -29.23 8.31 24.91
CA ALA A 78 -30.47 8.75 25.57
C ALA A 78 -30.17 8.95 27.05
N PHE A 79 -30.66 10.04 27.61
CA PHE A 79 -30.35 10.38 29.03
C PHE A 79 -31.48 9.94 29.97
N ARG A 80 -31.21 9.94 31.27
CA ARG A 80 -32.18 9.44 32.24
C ARG A 80 -32.93 10.48 33.01
N ALA A 81 -34.21 10.59 32.70
CA ALA A 81 -35.03 11.53 33.36
C ALA A 81 -35.52 10.87 34.61
N ASP A 82 -34.80 11.06 35.69
CA ASP A 82 -35.23 10.56 36.94
C ASP A 82 -35.47 9.04 36.96
N ASP A 83 -36.64 8.49 37.18
CA ASP A 83 -36.76 7.04 37.19
C ASP A 83 -36.62 6.31 35.85
N THR A 84 -37.15 6.85 34.79
CA THR A 84 -37.08 6.16 33.53
C THR A 84 -36.26 6.88 32.51
N PHE A 85 -35.75 6.16 31.57
CA PHE A 85 -34.92 6.70 30.56
C PHE A 85 -35.76 7.18 29.46
N GLU A 86 -35.40 8.34 28.90
CA GLU A 86 -36.14 8.89 27.74
C GLU A 86 -35.98 7.99 26.52
N ALA A 87 -36.88 8.11 25.56
CA ALA A 87 -36.70 7.38 24.32
C ALA A 87 -35.53 7.92 23.52
N LEU A 88 -34.84 7.07 22.78
CA LEU A 88 -33.79 7.55 21.94
C LEU A 88 -34.41 8.45 20.92
N CYS A 89 -34.05 9.72 20.94
CA CYS A 89 -34.55 10.64 19.88
C CYS A 89 -33.37 11.40 19.31
N ILE A 90 -33.01 11.11 18.06
CA ILE A 90 -31.97 11.85 17.43
C ILE A 90 -32.57 12.69 16.36
N GLU A 91 -32.45 13.99 16.43
CA GLU A 91 -33.03 14.83 15.42
C GLU A 91 -32.10 14.94 14.23
N PRO A 92 -32.55 14.73 13.01
CA PRO A 92 -31.70 14.76 11.85
C PRO A 92 -31.12 16.09 11.44
N PHE A 93 -30.25 16.01 10.45
CA PHE A 93 -29.62 17.22 9.91
C PHE A 93 -30.54 17.78 8.83
N SER A 94 -30.23 18.96 8.33
CA SER A 94 -31.15 19.58 7.41
C SER A 94 -30.92 18.98 6.06
N SER A 95 -31.93 18.96 5.23
CA SER A 95 -31.79 18.38 3.92
C SER A 95 -31.09 19.34 3.02
N PRO A 96 -30.47 18.85 1.98
CA PRO A 96 -29.77 19.77 1.10
C PRO A 96 -30.58 20.17 -0.11
N PRO A 97 -30.17 21.21 -0.81
CA PRO A 97 -30.97 21.65 -1.91
C PRO A 97 -31.01 20.76 -3.09
N GLU A 98 -31.96 21.03 -3.98
CA GLU A 98 -32.15 20.29 -5.18
C GLU A 98 -30.89 20.45 -5.97
N LEU A 99 -30.30 19.38 -6.39
CA LEU A 99 -29.08 19.43 -7.14
C LEU A 99 -29.27 20.29 -8.36
N PRO A 100 -28.51 21.34 -8.46
CA PRO A 100 -28.67 22.25 -9.58
C PRO A 100 -28.58 21.62 -10.94
N ASP A 101 -29.31 22.18 -11.91
CA ASP A 101 -29.37 21.72 -13.28
C ASP A 101 -28.04 21.48 -13.86
N VAL A 102 -27.18 22.48 -13.79
CA VAL A 102 -25.82 22.43 -14.30
C VAL A 102 -24.99 21.28 -13.77
N MET A 103 -25.29 20.80 -12.59
CA MET A 103 -24.59 19.69 -12.06
C MET A 103 -25.13 18.35 -12.45
N LYS A 104 -26.42 18.19 -12.63
CA LYS A 104 -26.92 16.89 -12.99
C LYS A 104 -26.86 16.66 -14.45
N MET B 2 -10.13 21.71 25.43
CA MET B 2 -10.08 20.33 24.87
C MET B 2 -11.21 20.18 23.85
N TYR B 3 -12.43 20.53 24.24
CA TYR B 3 -13.59 20.40 23.33
C TYR B 3 -14.23 21.77 23.09
N VAL B 4 -14.79 21.97 21.90
CA VAL B 4 -15.47 23.23 21.52
C VAL B 4 -16.80 22.88 20.87
N LYS B 5 -17.76 23.81 20.87
CA LYS B 5 -19.09 23.56 20.28
C LYS B 5 -19.32 24.45 19.07
N LEU B 6 -19.33 23.90 17.87
CA LEU B 6 -19.67 24.65 16.64
C LEU B 6 -21.16 24.40 16.44
N ILE B 7 -21.92 25.46 16.24
CA ILE B 7 -23.32 25.37 16.18
C ILE B 7 -23.80 25.79 14.86
N SER B 8 -24.57 24.94 14.21
CA SER B 8 -25.07 25.23 12.86
C SER B 8 -26.16 26.29 12.87
N SER B 9 -26.46 26.83 11.71
CA SER B 9 -27.53 27.77 11.55
C SER B 9 -28.76 27.27 12.17
N ASP B 10 -29.08 26.03 11.90
CA ASP B 10 -30.33 25.46 12.37
C ASP B 10 -30.34 24.84 13.73
N GLY B 11 -29.57 25.38 14.63
CA GLY B 11 -29.53 24.90 15.96
C GLY B 11 -28.75 23.69 16.34
N HIS B 12 -28.27 22.91 15.37
CA HIS B 12 -27.55 21.67 15.77
C HIS B 12 -26.27 22.08 16.48
N GLU B 13 -25.88 21.31 17.47
CA GLU B 13 -24.63 21.61 18.23
C GLU B 13 -23.64 20.47 18.02
N PHE B 14 -22.42 20.81 17.59
CA PHE B 14 -21.39 19.79 17.31
C PHE B 14 -20.18 20.00 18.23
N ILE B 15 -19.93 19.03 19.09
CA ILE B 15 -18.79 19.15 20.03
C ILE B 15 -17.61 18.39 19.43
N VAL B 16 -16.69 19.14 18.86
CA VAL B 16 -15.46 18.55 18.25
C VAL B 16 -14.30 19.01 19.10
N LYS B 17 -13.22 18.24 19.09
CA LYS B 17 -12.08 18.67 19.83
C LYS B 17 -11.57 20.05 19.43
N ARG B 18 -10.88 20.72 20.36
CA ARG B 18 -10.41 22.04 20.04
C ARG B 18 -9.30 21.94 19.03
N GLU B 19 -8.38 21.03 19.24
CA GLU B 19 -7.33 20.91 18.27
C GLU B 19 -7.83 20.61 16.87
N HIS B 20 -8.99 20.05 16.75
CA HIS B 20 -9.50 19.69 15.49
C HIS B 20 -10.12 20.84 14.84
N ALA B 21 -10.70 21.72 15.60
CA ALA B 21 -11.33 22.85 14.99
C ALA B 21 -10.34 23.94 14.67
N LEU B 22 -9.13 23.86 15.14
CA LEU B 22 -8.15 24.85 14.83
C LEU B 22 -7.57 24.60 13.47
N THR B 23 -8.03 23.52 12.82
CA THR B 23 -7.70 23.21 11.41
C THR B 23 -8.31 24.33 10.57
N SER B 24 -9.23 25.09 11.17
CA SER B 24 -9.93 26.17 10.45
C SER B 24 -9.34 27.52 10.85
N GLY B 25 -8.91 28.29 9.86
CA GLY B 25 -8.37 29.61 10.16
C GLY B 25 -9.43 30.51 10.75
N THR B 26 -10.60 30.51 10.15
CA THR B 26 -11.64 31.45 10.63
C THR B 26 -11.98 31.04 12.06
N ILE B 27 -12.05 29.76 12.36
CA ILE B 27 -12.27 29.32 13.77
C ILE B 27 -11.04 29.66 14.61
N LYS B 28 -9.84 29.62 14.04
CA LYS B 28 -8.62 29.84 14.88
C LYS B 28 -8.67 31.25 15.46
N ALA B 29 -9.12 32.19 14.66
CA ALA B 29 -9.20 33.59 15.12
C ALA B 29 -10.44 33.78 15.97
N MET B 30 -11.56 33.18 15.59
CA MET B 30 -12.80 33.43 16.30
C MET B 30 -12.68 32.91 17.69
N LEU B 31 -11.57 32.28 17.99
CA LEU B 31 -11.44 31.76 19.29
C LEU B 31 -10.26 32.46 19.93
N SER B 32 -10.41 33.79 20.02
CA SER B 32 -9.40 34.70 20.56
C SER B 32 -9.91 36.12 20.83
N ASN B 43 -15.25 27.66 25.13
CA ASN B 43 -15.67 28.60 24.14
C ASN B 43 -16.68 27.95 23.19
N GLU B 44 -17.53 28.74 22.57
CA GLU B 44 -18.54 28.25 21.67
C GLU B 44 -18.68 29.18 20.46
N VAL B 45 -18.93 28.66 19.28
CA VAL B 45 -19.04 29.45 18.07
C VAL B 45 -20.42 29.22 17.46
N ASN B 46 -20.93 30.14 16.67
CA ASN B 46 -22.20 30.02 16.07
C ASN B 46 -22.12 30.41 14.66
N PHE B 47 -22.39 29.53 13.71
CA PHE B 47 -22.28 29.87 12.34
C PHE B 47 -23.65 30.02 11.85
N ARG B 48 -24.05 31.14 11.28
CA ARG B 48 -25.41 31.34 10.87
C ARG B 48 -25.76 31.14 9.44
N GLU B 49 -24.83 30.89 8.57
CA GLU B 49 -25.18 30.59 7.23
C GLU B 49 -24.77 29.20 6.86
N ILE B 50 -24.48 28.34 7.81
CA ILE B 50 -24.08 26.98 7.54
C ILE B 50 -25.05 25.94 8.13
N PRO B 51 -25.82 25.26 7.30
CA PRO B 51 -26.77 24.30 7.86
C PRO B 51 -26.10 23.10 8.44
N SER B 52 -26.76 22.45 9.39
CA SER B 52 -26.25 21.22 10.02
C SER B 52 -25.50 20.30 9.05
N HIS B 53 -26.11 19.94 7.92
CA HIS B 53 -25.53 18.97 7.03
C HIS B 53 -24.28 19.40 6.35
N VAL B 54 -23.93 20.66 6.41
CA VAL B 54 -22.67 21.11 5.92
C VAL B 54 -21.66 21.12 7.05
N LEU B 55 -22.06 21.53 8.25
CA LEU B 55 -21.14 21.62 9.40
C LEU B 55 -20.78 20.22 9.90
N SER B 56 -21.73 19.28 9.88
CA SER B 56 -21.41 17.87 10.20
C SER B 56 -20.31 17.42 9.26
N LYS B 57 -20.45 17.79 8.00
CA LYS B 57 -19.51 17.35 7.02
C LYS B 57 -18.18 18.00 7.31
N VAL B 58 -18.20 19.27 7.71
CA VAL B 58 -16.99 19.99 8.01
C VAL B 58 -16.31 19.42 9.18
N CYS B 59 -17.09 18.93 10.12
CA CYS B 59 -16.47 18.37 11.34
C CYS B 59 -15.85 17.01 10.97
N MET B 60 -16.38 16.34 9.96
CA MET B 60 -15.76 15.07 9.49
C MET B 60 -14.38 15.37 8.88
N TYR B 61 -14.25 16.46 8.13
CA TYR B 61 -12.95 16.84 7.53
C TYR B 61 -11.93 17.11 8.61
N PHE B 62 -12.34 17.82 9.64
CA PHE B 62 -11.42 18.05 10.78
C PHE B 62 -10.84 16.69 11.15
N THR B 63 -11.68 15.67 11.36
CA THR B 63 -11.17 14.37 11.83
C THR B 63 -10.19 13.80 10.79
N TYR B 64 -10.51 13.87 9.50
CA TYR B 64 -9.68 13.29 8.43
C TYR B 64 -8.30 13.96 8.37
N LYS B 65 -8.27 15.29 8.37
CA LYS B 65 -6.98 15.99 8.23
C LYS B 65 -6.09 15.66 9.42
N VAL B 66 -6.65 15.65 10.61
CA VAL B 66 -5.85 15.42 11.83
C VAL B 66 -5.30 13.99 11.86
N ARG B 67 -6.07 13.01 11.39
CA ARG B 67 -5.63 11.60 11.44
C ARG B 67 -4.62 11.33 10.33
N TYR B 68 -4.88 11.79 9.12
CA TYR B 68 -4.05 11.42 7.94
C TYR B 68 -2.92 12.40 7.60
N THR B 69 -2.89 13.57 8.24
CA THR B 69 -1.79 14.55 8.01
C THR B 69 -0.50 13.96 8.57
N ASN B 70 0.55 13.96 7.75
CA ASN B 70 1.88 13.38 8.15
C ASN B 70 1.78 11.86 8.32
N SER B 71 0.96 11.21 7.49
CA SER B 71 0.92 9.73 7.46
C SER B 71 2.07 9.27 6.55
N SER B 72 2.43 8.00 6.66
CA SER B 72 3.52 7.43 5.83
C SER B 72 2.93 6.61 4.67
N THR B 73 1.79 5.95 4.91
CA THR B 73 1.16 5.11 3.86
C THR B 73 -0.16 5.69 3.36
N GLU B 74 -0.83 4.92 2.52
CA GLU B 74 -2.04 5.37 1.80
C GLU B 74 -3.11 6.03 2.66
N ILE B 75 -3.62 7.16 2.17
CA ILE B 75 -4.66 7.87 2.78
C ILE B 75 -5.83 7.55 1.92
N PRO B 76 -7.04 7.53 2.52
CA PRO B 76 -8.26 7.38 1.76
C PRO B 76 -8.79 8.72 1.21
N GLU B 77 -9.60 8.67 0.17
CA GLU B 77 -10.24 9.87 -0.41
C GLU B 77 -11.30 10.46 0.52
N PHE B 78 -11.40 11.78 0.59
CA PHE B 78 -12.45 12.45 1.38
C PHE B 78 -13.70 12.52 0.51
N PRO B 79 -14.71 11.72 0.84
CA PRO B 79 -15.89 11.67 0.01
C PRO B 79 -16.77 12.87 0.09
N ILE B 80 -17.24 13.42 -0.99
CA ILE B 80 -18.12 14.51 -0.95
C ILE B 80 -19.24 14.20 -1.92
N ALA B 81 -20.46 14.10 -1.46
CA ALA B 81 -21.53 13.79 -2.37
C ALA B 81 -21.87 14.91 -3.34
N PRO B 82 -22.46 14.60 -4.48
CA PRO B 82 -22.85 15.69 -5.36
C PRO B 82 -23.88 16.66 -4.83
N GLU B 83 -24.68 16.29 -3.86
CA GLU B 83 -25.65 17.17 -3.37
C GLU B 83 -25.07 18.24 -2.51
N ILE B 84 -23.99 18.00 -1.81
CA ILE B 84 -23.48 19.00 -0.93
C ILE B 84 -22.28 19.75 -1.38
N ALA B 85 -21.73 19.42 -2.52
CA ALA B 85 -20.54 20.00 -3.05
C ALA B 85 -20.51 21.51 -3.04
N LEU B 86 -21.49 22.15 -3.64
CA LEU B 86 -21.54 23.60 -3.65
C LEU B 86 -21.55 24.21 -2.26
N GLU B 87 -22.33 23.65 -1.35
CA GLU B 87 -22.39 24.28 -0.02
C GLU B 87 -21.07 24.13 0.75
N LEU B 88 -20.40 22.98 0.68
CA LEU B 88 -19.10 22.73 1.37
C LEU B 88 -17.98 23.63 0.82
N LEU B 89 -17.94 23.84 -0.50
CA LEU B 89 -16.93 24.73 -1.12
C LEU B 89 -17.01 26.11 -0.48
N MET B 90 -18.20 26.68 -0.53
CA MET B 90 -18.35 28.04 0.03
C MET B 90 -17.99 28.03 1.51
N ALA B 91 -18.48 27.03 2.25
CA ALA B 91 -18.16 26.93 3.68
C ALA B 91 -16.66 26.74 3.86
N ALA B 92 -16.03 25.91 3.06
CA ALA B 92 -14.55 25.78 3.16
C ALA B 92 -13.89 27.12 2.80
N ASN B 93 -14.40 27.86 1.84
CA ASN B 93 -13.81 29.19 1.57
C ASN B 93 -13.98 30.07 2.81
N PHE B 94 -15.17 30.09 3.39
CA PHE B 94 -15.44 30.99 4.54
C PHE B 94 -14.56 30.54 5.70
N LEU B 95 -14.30 29.25 5.81
CA LEU B 95 -13.57 28.75 7.01
C LEU B 95 -12.08 28.49 6.73
N ASP B 96 -11.55 28.81 5.56
CA ASP B 96 -10.08 28.69 5.29
C ASP B 96 -9.53 27.33 5.74
N CYS B 97 -10.08 26.25 5.19
CA CYS B 97 -9.61 24.88 5.51
C CYS B 97 -9.83 24.03 4.27
N PRO C 10 18.02 24.90 -15.50
CA PRO C 10 16.75 24.60 -14.84
C PRO C 10 17.12 23.76 -13.71
N VAL C 11 16.97 24.17 -12.49
CA VAL C 11 17.42 23.34 -11.42
C VAL C 11 16.67 22.01 -11.23
N LEU C 12 15.36 21.94 -11.45
CA LEU C 12 14.64 20.70 -11.29
C LEU C 12 14.73 19.95 -12.58
N ARG C 13 15.54 18.91 -12.68
CA ARG C 13 15.74 18.19 -13.91
C ARG C 13 16.49 16.95 -13.69
N SER C 14 16.29 15.95 -14.51
CA SER C 14 17.00 14.73 -14.37
C SER C 14 18.41 14.89 -14.77
N VAL C 15 19.38 14.25 -14.17
CA VAL C 15 20.80 14.33 -14.53
C VAL C 15 21.10 13.19 -15.49
N ASN C 16 21.66 13.41 -16.67
CA ASN C 16 21.79 12.31 -17.63
C ASN C 16 22.91 11.42 -17.25
N SER C 17 22.67 10.49 -16.37
CA SER C 17 23.67 9.64 -15.88
C SER C 17 23.84 8.28 -16.51
N ARG C 18 22.83 7.83 -17.24
CA ARG C 18 22.90 6.55 -17.97
C ARG C 18 23.20 5.31 -17.16
N GLU C 19 23.08 5.41 -15.85
CA GLU C 19 23.29 4.27 -15.00
C GLU C 19 21.94 3.77 -14.54
N PRO C 20 21.62 2.57 -14.93
CA PRO C 20 20.29 2.03 -14.61
C PRO C 20 19.94 1.85 -13.13
N SER C 21 18.72 2.23 -12.77
CA SER C 21 18.20 2.07 -11.39
C SER C 21 16.80 1.47 -11.52
N GLN C 22 16.60 0.26 -11.02
CA GLN C 22 15.26 -0.36 -11.18
C GLN C 22 14.34 0.14 -10.08
N VAL C 23 13.19 0.69 -10.45
CA VAL C 23 12.22 1.26 -9.48
C VAL C 23 10.88 0.51 -9.57
N ILE C 24 10.04 0.54 -8.53
CA ILE C 24 8.67 -0.04 -8.58
C ILE C 24 7.66 1.10 -8.34
N PHE C 25 6.87 1.44 -9.34
CA PHE C 25 5.87 2.43 -9.13
C PHE C 25 4.71 1.68 -8.56
N CYS C 26 4.18 2.10 -7.42
CA CYS C 26 2.98 1.45 -6.85
C CYS C 26 1.90 2.49 -6.61
N ASN C 27 0.75 2.30 -7.22
CA ASN C 27 -0.40 3.23 -7.10
C ASN C 27 -1.26 2.85 -5.90
N ARG C 28 -0.87 3.32 -4.72
CA ARG C 28 -1.70 3.17 -3.50
C ARG C 28 -2.58 4.42 -3.42
N SER C 29 -3.24 4.79 -4.53
CA SER C 29 -4.20 5.91 -4.65
C SER C 29 -5.44 5.38 -5.37
N PRO C 30 -6.64 5.96 -5.18
CA PRO C 30 -7.84 5.58 -5.93
C PRO C 30 -7.96 6.27 -7.29
N ARG C 31 -6.91 6.97 -7.69
CA ARG C 31 -6.92 7.72 -8.96
C ARG C 31 -6.05 6.98 -9.98
N VAL C 32 -6.15 7.32 -11.26
CA VAL C 32 -5.25 6.76 -12.31
C VAL C 32 -4.01 7.66 -12.33
N VAL C 33 -2.86 7.12 -11.98
CA VAL C 33 -1.64 7.96 -11.83
C VAL C 33 -0.93 8.14 -13.16
N LEU C 34 -0.62 9.37 -13.49
CA LEU C 34 0.20 9.66 -14.69
C LEU C 34 1.61 9.90 -14.19
N PRO C 35 2.54 8.96 -14.36
CA PRO C 35 3.91 9.27 -14.00
C PRO C 35 4.50 10.31 -14.94
N VAL C 36 5.00 11.41 -14.40
CA VAL C 36 5.54 12.43 -15.18
C VAL C 36 7.09 12.46 -14.94
N TRP C 37 7.90 12.38 -15.97
CA TRP C 37 9.37 12.41 -15.86
C TRP C 37 9.91 13.76 -16.16
N LEU C 38 10.73 14.34 -15.36
CA LEU C 38 11.24 15.64 -15.67
C LEU C 38 12.54 15.41 -16.40
N ASN C 39 12.57 15.73 -17.69
CA ASN C 39 13.65 15.40 -18.63
C ASN C 39 14.95 16.16 -18.51
N PHE C 40 15.97 15.91 -19.27
CA PHE C 40 17.23 16.60 -19.11
C PHE C 40 17.24 18.11 -19.10
N ASP C 41 16.28 18.74 -19.76
CA ASP C 41 16.14 20.17 -19.71
C ASP C 41 15.05 20.63 -18.74
N GLY C 42 14.56 19.72 -17.92
CA GLY C 42 13.55 20.01 -16.94
C GLY C 42 12.14 20.17 -17.43
N GLU C 43 11.79 19.59 -18.54
CA GLU C 43 10.47 19.75 -19.04
C GLU C 43 9.63 18.50 -18.69
N PRO C 44 8.45 18.69 -18.09
CA PRO C 44 7.66 17.53 -17.71
C PRO C 44 7.25 16.66 -18.86
N GLN C 45 7.63 15.42 -18.90
CA GLN C 45 7.35 14.53 -19.96
C GLN C 45 6.51 13.34 -19.50
N PRO C 46 5.30 13.17 -20.06
CA PRO C 46 4.37 12.15 -19.59
C PRO C 46 4.69 10.70 -19.96
N TYR C 47 4.41 9.80 -19.04
CA TYR C 47 4.70 8.37 -19.25
C TYR C 47 3.42 7.57 -19.03
N PRO C 48 3.35 6.31 -19.50
CA PRO C 48 2.17 5.46 -19.32
C PRO C 48 1.51 5.48 -17.94
N THR C 49 0.19 5.60 -17.96
CA THR C 49 -0.63 5.67 -16.74
C THR C 49 -0.69 4.36 -15.98
N LEU C 50 -0.94 4.43 -14.68
CA LEU C 50 -1.09 3.22 -13.84
C LEU C 50 -2.49 3.23 -13.22
N PRO C 51 -3.25 2.14 -13.36
CA PRO C 51 -4.57 2.04 -12.76
C PRO C 51 -4.47 1.95 -11.24
N PRO C 52 -5.51 2.37 -10.50
CA PRO C 52 -5.53 2.23 -9.04
C PRO C 52 -5.25 0.79 -8.58
N GLY C 53 -4.36 0.62 -7.59
CA GLY C 53 -3.94 -0.70 -7.06
C GLY C 53 -2.81 -1.36 -7.84
N THR C 54 -2.32 -0.74 -8.91
CA THR C 54 -1.33 -1.38 -9.81
C THR C 54 0.11 -1.03 -9.45
N GLY C 55 0.95 -2.04 -9.46
CA GLY C 55 2.37 -1.83 -9.23
C GLY C 55 3.14 -2.40 -10.39
N ARG C 56 4.02 -1.61 -10.96
CA ARG C 56 4.80 -2.05 -12.13
C ARG C 56 6.27 -1.83 -11.83
N ARG C 57 7.12 -2.73 -12.32
CA ARG C 57 8.57 -2.55 -12.15
C ARG C 57 9.08 -1.75 -13.34
N ILE C 58 9.41 -0.51 -13.10
CA ILE C 58 9.83 0.31 -14.18
C ILE C 58 11.33 0.55 -14.16
N HIS C 59 11.90 0.86 -15.32
CA HIS C 59 13.34 1.02 -15.44
C HIS C 59 13.78 2.44 -15.68
N SER C 60 14.32 3.06 -14.64
CA SER C 60 14.82 4.45 -14.75
C SER C 60 16.34 4.46 -14.60
N TYR C 61 16.88 5.61 -14.27
CA TYR C 61 18.33 5.79 -14.17
C TYR C 61 18.65 6.66 -12.94
N ARG C 62 19.90 6.59 -12.50
CA ARG C 62 20.33 7.33 -11.29
C ARG C 62 20.17 8.82 -11.52
N GLY C 63 19.55 9.48 -10.56
CA GLY C 63 19.36 10.87 -10.64
C GLY C 63 18.17 11.39 -11.36
N HIS C 64 17.34 10.56 -11.95
CA HIS C 64 16.23 11.09 -12.62
C HIS C 64 15.18 11.65 -11.67
N LEU C 65 14.47 12.67 -12.10
CA LEU C 65 13.39 13.26 -11.27
C LEU C 65 12.04 12.82 -11.81
N TRP C 66 11.14 12.38 -10.92
CA TRP C 66 9.78 12.02 -11.34
C TRP C 66 8.75 12.70 -10.43
N LEU C 67 7.60 13.08 -10.97
CA LEU C 67 6.47 13.58 -10.15
C LEU C 67 5.21 12.79 -10.58
N PHE C 68 4.16 12.76 -9.76
CA PHE C 68 3.02 11.87 -10.04
C PHE C 68 1.69 12.61 -9.89
N ARG C 69 0.85 12.54 -10.92
CA ARG C 69 -0.41 13.30 -10.94
C ARG C 69 -1.59 12.45 -11.41
N ASP C 70 -2.82 12.89 -11.13
CA ASP C 70 -4.05 12.21 -11.61
C ASP C 70 -4.13 12.41 -13.10
N ALA C 71 -4.12 11.33 -13.84
CA ALA C 71 -4.07 11.42 -15.31
C ALA C 71 -5.18 12.29 -15.85
N GLY C 72 -6.35 12.26 -15.24
CA GLY C 72 -7.41 12.94 -15.83
C GLY C 72 -7.54 14.39 -15.54
N THR C 73 -7.42 14.76 -14.29
CA THR C 73 -7.60 16.10 -13.87
C THR C 73 -6.34 16.79 -13.44
N HIS C 74 -5.20 16.17 -13.54
CA HIS C 74 -3.86 16.61 -13.11
C HIS C 74 -3.70 17.08 -11.65
N ASP C 75 -4.64 16.65 -10.80
CA ASP C 75 -4.62 16.83 -9.39
C ASP C 75 -3.30 16.29 -8.83
N GLY C 76 -2.74 16.86 -7.82
CA GLY C 76 -1.47 16.42 -7.32
C GLY C 76 -1.33 15.22 -6.41
N LEU C 77 -0.36 14.37 -6.69
CA LEU C 77 -0.16 13.23 -5.77
C LEU C 77 1.22 13.25 -5.13
N LEU C 78 1.40 12.46 -4.07
CA LEU C 78 2.57 12.36 -3.29
C LEU C 78 3.26 11.08 -3.58
N VAL C 79 4.57 11.04 -3.53
CA VAL C 79 5.34 9.84 -3.75
C VAL C 79 6.29 9.68 -2.59
N ASN C 80 6.22 8.61 -1.84
CA ASN C 80 6.98 8.38 -0.62
C ASN C 80 6.88 9.59 0.33
N GLN C 81 5.65 10.15 0.37
CA GLN C 81 5.24 11.31 1.22
C GLN C 81 5.84 12.66 0.85
N THR C 82 6.52 12.71 -0.28
CA THR C 82 7.09 13.93 -0.77
C THR C 82 6.59 14.19 -2.16
N GLU C 83 6.88 15.36 -2.71
CA GLU C 83 6.30 15.75 -4.01
C GLU C 83 7.13 15.25 -5.21
N LEU C 84 8.41 15.01 -5.00
CA LEU C 84 9.29 14.60 -6.13
C LEU C 84 10.06 13.33 -5.80
N PHE C 85 10.22 12.44 -6.77
CA PHE C 85 10.92 11.15 -6.55
C PHE C 85 12.22 11.06 -7.34
N VAL C 86 13.30 10.82 -6.62
CA VAL C 86 14.63 10.67 -7.29
C VAL C 86 15.21 9.37 -6.73
N PRO C 87 15.27 8.30 -7.55
CA PRO C 87 15.66 7.00 -7.05
C PRO C 87 16.99 7.02 -6.28
N SER C 88 16.98 6.44 -5.10
CA SER C 88 18.20 6.31 -4.25
C SER C 88 19.06 5.22 -4.83
N LEU C 89 20.22 4.98 -4.22
CA LEU C 89 21.15 3.96 -4.79
C LEU C 89 20.47 2.60 -4.74
N ASN C 90 20.54 1.83 -5.83
CA ASN C 90 19.98 0.46 -5.77
C ASN C 90 21.03 -0.39 -5.06
N VAL C 91 20.63 -1.04 -3.98
CA VAL C 91 21.62 -1.82 -3.21
C VAL C 91 21.56 -3.29 -3.64
N ASP C 92 22.65 -3.81 -4.21
CA ASP C 92 22.72 -5.18 -4.63
C ASP C 92 21.56 -5.53 -5.48
N GLY C 93 21.32 -4.75 -6.51
CA GLY C 93 20.25 -5.02 -7.43
C GLY C 93 18.85 -5.28 -6.96
N GLN C 94 18.45 -4.59 -5.90
CA GLN C 94 17.09 -4.71 -5.38
C GLN C 94 16.30 -3.48 -5.80
N PRO C 95 15.00 -3.62 -6.09
CA PRO C 95 14.22 -2.51 -6.57
C PRO C 95 14.07 -1.37 -5.57
N ILE C 96 13.92 -0.15 -6.07
CA ILE C 96 13.67 1.04 -5.21
C ILE C 96 12.16 1.30 -5.28
N PHE C 97 11.50 1.35 -4.15
CA PHE C 97 10.02 1.44 -4.14
C PHE C 97 9.50 2.87 -4.06
N ALA C 98 8.63 3.21 -5.00
CA ALA C 98 7.93 4.52 -4.99
C ALA C 98 6.45 4.30 -4.71
N ASN C 99 6.00 4.71 -3.53
CA ASN C 99 4.60 4.54 -3.10
C ASN C 99 3.81 5.81 -3.38
N ILE C 100 3.06 5.80 -4.47
CA ILE C 100 2.26 6.97 -4.88
C ILE C 100 0.99 6.96 -4.07
N THR C 101 0.69 8.05 -3.39
CA THR C 101 -0.47 8.13 -2.47
C THR C 101 -1.23 9.42 -2.66
N LEU C 102 -2.47 9.50 -2.17
CA LEU C 102 -3.24 10.75 -2.18
C LEU C 102 -2.65 11.68 -1.13
N PRO C 103 -2.65 13.01 -1.36
CA PRO C 103 -2.23 13.95 -0.34
C PRO C 103 -3.44 14.36 0.48
N VAL C 104 -3.23 14.97 1.65
CA VAL C 104 -4.36 15.44 2.38
C VAL C 104 -4.71 16.79 1.83
N TYR C 105 -5.64 16.84 0.88
CA TYR C 105 -6.03 18.04 0.30
C TYR C 105 -6.74 18.88 1.32
N THR C 106 -6.72 20.16 1.10
CA THR C 106 -7.48 21.03 1.92
C THR C 106 -8.95 20.82 1.56
N LEU C 107 -9.83 21.14 2.50
CA LEU C 107 -11.24 21.04 2.30
C LEU C 107 -11.60 21.84 1.13
N LYS C 108 -11.11 23.08 1.01
CA LYS C 108 -11.52 23.86 -0.20
C LYS C 108 -11.09 23.18 -1.50
N GLU C 109 -9.83 22.75 -1.61
CA GLU C 109 -9.33 22.18 -2.89
C GLU C 109 -10.09 20.90 -3.26
N ARG C 110 -10.41 20.08 -2.28
CA ARG C 110 -11.19 18.85 -2.53
C ARG C 110 -12.55 19.22 -3.11
N CYS C 111 -13.22 20.23 -2.55
CA CYS C 111 -14.55 20.68 -3.04
C CYS C 111 -14.41 21.23 -4.46
N LEU C 112 -13.33 21.94 -4.77
CA LEU C 112 -13.09 22.37 -6.16
C LEU C 112 -12.89 21.15 -7.05
N GLN C 113 -12.14 20.16 -6.57
CA GLN C 113 -11.94 18.93 -7.38
C GLN C 113 -13.26 18.25 -7.71
N VAL C 114 -14.16 18.13 -6.74
CA VAL C 114 -15.51 17.53 -6.99
C VAL C 114 -16.39 18.48 -7.82
N VAL C 115 -16.37 19.78 -7.60
CA VAL C 115 -17.27 20.61 -8.45
C VAL C 115 -16.78 20.59 -9.91
N ARG C 116 -15.48 20.67 -10.16
CA ARG C 116 -14.96 20.57 -11.55
C ARG C 116 -15.38 19.23 -12.11
N SER C 117 -15.46 18.23 -11.27
CA SER C 117 -15.89 16.91 -11.57
C SER C 117 -17.28 16.83 -12.15
N LEU C 118 -18.25 17.47 -11.55
CA LEU C 118 -19.60 17.38 -12.00
C LEU C 118 -20.03 18.34 -13.01
N VAL C 119 -19.25 19.36 -13.23
CA VAL C 119 -19.70 20.42 -14.08
C VAL C 119 -18.75 20.83 -15.18
N LYS C 120 -19.21 20.96 -16.41
CA LYS C 120 -18.42 21.41 -17.53
C LYS C 120 -17.87 22.78 -17.31
N PRO C 121 -16.72 23.09 -17.89
CA PRO C 121 -16.14 24.41 -17.66
C PRO C 121 -16.87 25.57 -18.17
N GLU C 122 -17.72 25.34 -19.12
CA GLU C 122 -18.52 26.40 -19.65
C GLU C 122 -19.45 26.93 -18.54
N ASN C 123 -20.08 26.02 -17.80
CA ASN C 123 -21.14 26.40 -16.81
C ASN C 123 -20.61 26.73 -15.42
N TYR C 124 -19.31 26.92 -15.25
CA TYR C 124 -18.80 27.35 -13.93
C TYR C 124 -19.44 28.69 -13.59
N ARG C 125 -19.62 29.57 -14.58
CA ARG C 125 -20.18 30.92 -14.34
C ARG C 125 -21.69 30.85 -14.15
N ARG C 126 -22.31 29.73 -14.48
CA ARG C 126 -23.70 29.57 -14.21
C ARG C 126 -23.99 29.05 -12.82
N LEU C 127 -23.00 28.99 -11.96
CA LEU C 127 -23.19 28.44 -10.66
C LEU C 127 -23.43 29.51 -9.67
N ASP C 128 -24.33 29.36 -8.73
CA ASP C 128 -24.57 30.39 -7.79
C ASP C 128 -23.53 30.49 -6.71
N ILE C 129 -22.32 30.83 -7.11
CA ILE C 129 -21.21 31.00 -6.13
C ILE C 129 -20.63 32.42 -6.24
N VAL C 130 -19.92 32.82 -5.21
CA VAL C 130 -19.25 34.14 -5.25
C VAL C 130 -18.21 34.08 -6.37
N ARG C 131 -17.96 35.23 -7.02
CA ARG C 131 -17.02 35.27 -8.19
C ARG C 131 -15.67 34.66 -7.82
N SER C 132 -15.20 34.89 -6.60
CA SER C 132 -13.85 34.41 -6.24
C SER C 132 -13.82 32.91 -6.54
N LEU C 133 -14.88 32.20 -6.23
CA LEU C 133 -14.92 30.73 -6.41
C LEU C 133 -14.85 30.39 -7.91
N TYR C 134 -15.46 31.21 -8.76
CA TYR C 134 -15.39 30.98 -10.22
C TYR C 134 -13.93 31.02 -10.68
N GLU C 135 -13.16 31.97 -10.14
CA GLU C 135 -11.73 32.08 -10.51
C GLU C 135 -11.00 30.86 -9.94
N ASP C 136 -11.34 30.45 -8.72
CA ASP C 136 -10.70 29.28 -8.08
C ASP C 136 -11.03 28.03 -8.91
N LEU C 137 -12.29 27.85 -9.27
CA LEU C 137 -12.68 26.63 -10.03
C LEU C 137 -12.01 26.71 -11.39
N GLU C 138 -11.80 27.91 -11.92
CA GLU C 138 -11.13 27.97 -13.20
C GLU C 138 -9.63 27.76 -13.15
N ASP C 139 -9.00 28.02 -12.01
CA ASP C 139 -7.58 27.83 -11.82
C ASP C 139 -7.22 26.40 -11.55
N HIS C 140 -7.33 25.57 -12.56
CA HIS C 140 -7.01 24.19 -12.42
C HIS C 140 -5.59 23.97 -12.06
N PRO C 141 -5.28 22.74 -11.65
CA PRO C 141 -3.90 22.47 -11.39
C PRO C 141 -3.20 22.07 -12.64
N ASN C 142 -2.10 22.70 -12.99
CA ASN C 142 -1.32 22.17 -14.09
C ASN C 142 0.07 21.91 -13.54
N VAL C 143 0.74 20.91 -14.05
CA VAL C 143 2.03 20.52 -13.59
C VAL C 143 3.01 21.62 -13.61
N GLN C 144 3.05 22.41 -14.65
CA GLN C 144 4.11 23.42 -14.77
C GLN C 144 4.10 24.50 -13.70
N LYS C 145 2.96 24.92 -13.26
CA LYS C 145 2.91 25.87 -12.17
C LYS C 145 3.55 25.33 -10.89
N ASP C 146 3.31 24.07 -10.58
CA ASP C 146 3.88 23.48 -9.39
C ASP C 146 5.40 23.44 -9.50
N LEU C 147 5.90 23.17 -10.68
CA LEU C 147 7.31 23.10 -10.84
C LEU C 147 7.98 24.39 -10.49
N GLU C 148 7.44 25.49 -10.94
CA GLU C 148 8.00 26.75 -10.64
C GLU C 148 7.91 27.05 -9.19
N ARG C 149 6.73 26.76 -8.60
CA ARG C 149 6.60 26.90 -7.16
C ARG C 149 7.64 26.06 -6.54
N LEU C 150 7.67 24.81 -6.88
CA LEU C 150 8.61 23.94 -6.25
C LEU C 150 10.02 24.40 -6.47
N THR C 151 10.35 24.87 -7.65
CA THR C 151 11.69 25.29 -7.93
C THR C 151 12.14 26.40 -7.01
N GLN C 152 11.34 27.32 -6.69
CA GLN C 152 11.75 28.37 -5.80
C GLN C 152 12.23 27.87 -4.45
N GLU C 153 11.51 26.86 -3.90
CA GLU C 153 11.94 26.28 -2.64
C GLU C 153 12.98 25.19 -2.88
N GLU D 4 -2.11 -3.50 -44.95
CA GLU D 4 -0.69 -3.25 -44.85
C GLU D 4 -0.40 -3.43 -43.38
N TYR D 5 0.62 -4.21 -43.05
CA TYR D 5 0.94 -4.49 -41.70
C TYR D 5 2.39 -4.01 -41.51
N LYS D 6 2.66 -3.07 -40.62
CA LYS D 6 4.00 -2.56 -40.41
C LYS D 6 4.72 -3.28 -39.27
N LEU D 7 5.82 -3.96 -39.54
CA LEU D 7 6.58 -4.66 -38.54
C LEU D 7 7.95 -3.97 -38.28
N VAL D 8 8.47 -4.04 -37.09
CA VAL D 8 9.71 -3.37 -36.82
C VAL D 8 10.69 -4.26 -36.11
N VAL D 9 11.69 -4.81 -36.77
CA VAL D 9 12.61 -5.72 -36.08
C VAL D 9 13.59 -4.95 -35.22
N VAL D 10 14.01 -5.40 -34.06
CA VAL D 10 14.90 -4.58 -33.21
C VAL D 10 15.93 -5.38 -32.38
N GLY D 11 17.15 -4.89 -32.29
CA GLY D 11 18.12 -5.59 -31.46
C GLY D 11 19.45 -4.92 -31.21
N ALA D 12 20.44 -5.62 -30.70
CA ALA D 12 21.74 -5.01 -30.56
C ALA D 12 22.46 -5.16 -31.86
N VAL D 13 23.46 -4.34 -32.07
CA VAL D 13 24.24 -4.50 -33.30
C VAL D 13 24.87 -5.89 -33.32
N GLY D 14 24.48 -6.71 -34.28
CA GLY D 14 25.09 -8.05 -34.44
C GLY D 14 24.10 -9.19 -34.27
N VAL D 15 22.88 -8.89 -33.80
CA VAL D 15 21.86 -9.95 -33.54
C VAL D 15 21.47 -10.62 -34.87
N GLY D 16 21.35 -9.86 -35.95
CA GLY D 16 20.88 -10.49 -37.19
C GLY D 16 19.56 -9.94 -37.70
N LYS D 17 19.10 -8.79 -37.18
CA LYS D 17 17.87 -8.19 -37.75
C LYS D 17 18.11 -7.87 -39.22
N SER D 18 19.28 -7.31 -39.54
CA SER D 18 19.59 -6.90 -40.92
C SER D 18 19.55 -8.13 -41.83
N ALA D 19 20.13 -9.23 -41.35
CA ALA D 19 20.09 -10.48 -42.14
C ALA D 19 18.71 -11.11 -42.14
N LEU D 20 18.12 -11.30 -40.97
CA LEU D 20 16.85 -12.07 -40.90
C LEU D 20 15.83 -11.44 -41.83
N THR D 21 15.86 -10.13 -41.99
CA THR D 21 14.94 -9.52 -42.98
C THR D 21 15.24 -10.12 -44.36
N ILE D 22 16.50 -10.32 -44.74
CA ILE D 22 16.84 -10.75 -46.14
C ILE D 22 16.20 -12.10 -46.49
N GLN D 23 16.19 -13.04 -45.54
CA GLN D 23 15.55 -14.35 -45.79
C GLN D 23 14.06 -14.16 -46.10
N LEU D 24 13.36 -13.27 -45.40
CA LEU D 24 11.92 -13.16 -45.73
C LEU D 24 11.81 -12.43 -47.07
N ILE D 25 12.42 -11.26 -47.15
CA ILE D 25 12.27 -10.41 -48.37
C ILE D 25 12.97 -11.04 -49.57
N GLN D 26 14.19 -11.57 -49.39
CA GLN D 26 14.97 -12.07 -50.54
C GLN D 26 15.30 -13.57 -50.42
N ASN D 27 14.88 -14.23 -49.34
CA ASN D 27 15.10 -15.70 -49.18
C ASN D 27 16.55 -16.10 -49.40
N HIS D 28 17.47 -15.13 -49.47
CA HIS D 28 18.85 -15.47 -49.67
C HIS D 28 19.84 -14.78 -48.73
N PHE D 29 20.40 -15.52 -47.77
CA PHE D 29 21.35 -14.98 -46.77
C PHE D 29 22.43 -14.05 -47.34
N VAL D 30 22.74 -12.97 -46.63
CA VAL D 30 23.88 -12.09 -46.99
C VAL D 30 24.82 -12.23 -45.79
N ASP D 31 25.90 -13.00 -45.91
CA ASP D 31 26.75 -13.26 -44.72
C ASP D 31 27.34 -11.96 -44.18
N GLU D 32 27.88 -11.11 -45.05
CA GLU D 32 28.33 -9.79 -44.53
C GLU D 32 27.35 -8.77 -45.07
N TYR D 33 26.67 -8.05 -44.18
CA TYR D 33 25.76 -6.98 -44.63
C TYR D 33 26.24 -5.70 -43.94
N ASP D 34 25.92 -4.52 -44.46
CA ASP D 34 26.35 -3.31 -43.71
C ASP D 34 25.40 -3.15 -42.52
N PRO D 35 25.91 -3.20 -41.27
CA PRO D 35 25.09 -3.04 -40.08
C PRO D 35 24.80 -1.57 -39.83
N THR D 36 24.87 -0.75 -40.87
CA THR D 36 24.71 0.66 -40.57
C THR D 36 23.55 1.37 -41.26
N ILE D 37 22.62 0.65 -41.88
CA ILE D 37 21.58 1.40 -42.63
C ILE D 37 20.23 0.69 -42.52
N GLU D 38 19.17 1.47 -42.38
CA GLU D 38 17.84 0.88 -42.14
C GLU D 38 16.95 1.17 -43.35
N ASP D 39 16.24 0.16 -43.83
CA ASP D 39 15.31 0.40 -44.94
C ASP D 39 13.99 -0.32 -44.66
N SER D 40 12.95 0.05 -45.40
CA SER D 40 11.65 -0.61 -45.25
C SER D 40 11.53 -1.65 -46.37
N TYR D 41 11.34 -2.90 -46.00
CA TYR D 41 11.14 -3.95 -47.01
C TYR D 41 9.65 -4.26 -47.13
N ARG D 42 8.98 -3.62 -48.10
CA ARG D 42 7.54 -3.94 -48.33
C ARG D 42 7.46 -5.30 -49.00
N LYS D 43 6.41 -6.06 -48.67
CA LYS D 43 6.30 -7.42 -49.23
C LYS D 43 4.86 -7.65 -49.68
N GLN D 44 4.63 -8.63 -50.55
CA GLN D 44 3.26 -8.97 -51.04
C GLN D 44 3.10 -10.47 -50.82
N VAL D 45 2.83 -10.88 -49.59
CA VAL D 45 2.82 -12.34 -49.28
C VAL D 45 1.50 -12.75 -48.68
N VAL D 46 0.87 -13.80 -49.21
CA VAL D 46 -0.36 -14.29 -48.54
C VAL D 46 0.03 -14.78 -47.14
N ILE D 47 -0.75 -14.40 -46.14
CA ILE D 47 -0.48 -14.94 -44.78
C ILE D 47 -1.77 -15.61 -44.31
N ASP D 48 -1.68 -16.89 -43.96
CA ASP D 48 -2.86 -17.61 -43.42
C ASP D 48 -4.12 -17.25 -44.24
N GLY D 49 -3.97 -17.02 -45.55
CA GLY D 49 -5.13 -16.65 -46.32
C GLY D 49 -5.53 -15.20 -46.28
N GLU D 50 -4.60 -14.27 -46.20
CA GLU D 50 -5.03 -12.88 -46.26
C GLU D 50 -4.29 -12.01 -47.27
N THR D 51 -4.77 -10.78 -47.46
CA THR D 51 -4.15 -9.85 -48.39
C THR D 51 -3.03 -9.35 -47.63
N CYS D 52 -1.81 -9.43 -48.15
CA CYS D 52 -0.76 -8.92 -47.22
C CYS D 52 0.31 -8.06 -47.89
N LEU D 53 0.74 -7.02 -47.18
CA LEU D 53 1.80 -6.13 -47.68
C LEU D 53 2.56 -5.65 -46.45
N LEU D 54 3.62 -6.38 -46.06
CA LEU D 54 4.38 -6.02 -44.89
C LEU D 54 5.21 -4.83 -45.17
N ASP D 55 5.64 -4.18 -44.10
CA ASP D 55 6.46 -3.02 -44.20
C ASP D 55 7.47 -3.21 -43.15
N ILE D 56 8.24 -4.24 -43.25
CA ILE D 56 9.22 -4.55 -42.25
C ILE D 56 10.37 -3.56 -42.09
N LEU D 57 10.52 -2.88 -40.96
CA LEU D 57 11.66 -1.97 -40.79
C LEU D 57 12.88 -2.69 -40.26
N ASP D 58 14.00 -2.61 -40.97
CA ASP D 58 15.26 -3.21 -40.46
C ASP D 58 16.01 -2.12 -39.73
N THR D 59 15.75 -1.95 -38.44
CA THR D 59 16.38 -0.93 -37.67
C THR D 59 17.89 -1.01 -37.66
N ALA D 60 18.57 0.13 -37.69
CA ALA D 60 20.00 0.20 -37.67
C ALA D 60 20.42 1.58 -37.36
N GLY D 61 21.58 1.75 -36.79
CA GLY D 61 22.07 3.04 -36.45
C GLY D 61 22.44 3.18 -35.00
N GLN D 62 22.83 4.36 -34.58
CA GLN D 62 23.19 4.64 -33.24
C GLN D 62 21.94 5.06 -32.59
N GLU D 63 21.77 4.72 -31.33
CA GLU D 63 20.60 5.10 -30.62
C GLU D 63 20.47 6.59 -30.53
N GLU D 64 19.22 7.03 -30.62
CA GLU D 64 18.89 8.47 -30.57
C GLU D 64 17.53 8.60 -29.89
N TYR D 65 17.52 9.11 -28.68
CA TYR D 65 16.24 9.32 -28.00
C TYR D 65 15.79 10.73 -28.34
N SER D 66 15.05 10.83 -29.43
CA SER D 66 14.58 12.14 -29.92
C SER D 66 13.10 12.06 -30.23
N ALA D 67 12.46 13.20 -30.38
CA ALA D 67 11.10 13.17 -30.83
C ALA D 67 10.94 12.47 -32.13
N MET D 68 11.72 12.77 -33.12
CA MET D 68 11.57 12.14 -34.40
C MET D 68 11.70 10.68 -34.35
N ARG D 69 12.71 10.15 -33.72
CA ARG D 69 12.88 8.71 -33.75
C ARG D 69 11.91 7.93 -32.89
N ASP D 70 11.28 8.57 -31.91
CA ASP D 70 10.34 7.87 -31.13
C ASP D 70 9.14 7.72 -31.94
N GLN D 71 8.58 8.79 -32.46
CA GLN D 71 7.42 8.68 -33.32
C GLN D 71 7.57 7.82 -34.53
N TYR D 72 8.78 7.50 -34.98
CA TYR D 72 9.01 6.61 -36.05
C TYR D 72 8.79 5.23 -35.60
N MET D 73 9.36 4.78 -34.52
CA MET D 73 9.21 3.42 -34.12
C MET D 73 7.85 3.16 -33.47
N ARG D 74 7.15 4.20 -33.09
CA ARG D 74 5.82 4.09 -32.53
C ARG D 74 4.83 3.64 -33.59
N THR D 75 5.22 3.74 -34.85
CA THR D 75 4.38 3.35 -35.98
C THR D 75 4.56 1.89 -36.21
N GLY D 76 5.48 1.29 -35.51
CA GLY D 76 5.71 -0.08 -35.70
C GLY D 76 4.53 -0.78 -35.15
N GLU D 77 3.71 -1.38 -35.99
CA GLU D 77 2.57 -2.12 -35.49
C GLU D 77 2.97 -3.27 -34.66
N GLY D 78 4.21 -3.87 -34.79
CA GLY D 78 4.79 -4.97 -34.04
C GLY D 78 6.30 -5.12 -34.10
N PHE D 79 6.91 -5.60 -33.05
CA PHE D 79 8.35 -5.70 -33.01
C PHE D 79 8.88 -7.08 -32.78
N LEU D 80 10.07 -7.35 -33.28
CA LEU D 80 10.73 -8.60 -33.01
C LEU D 80 11.95 -8.15 -32.32
N CYS D 81 12.11 -8.51 -31.07
CA CYS D 81 13.23 -8.06 -30.31
C CYS D 81 14.28 -9.12 -30.42
N VAL D 82 15.24 -8.94 -31.32
CA VAL D 82 16.15 -10.00 -31.51
C VAL D 82 17.34 -10.11 -30.61
N PHE D 83 17.55 -11.26 -30.00
CA PHE D 83 18.73 -11.51 -29.21
C PHE D 83 19.43 -12.74 -29.77
N ALA D 84 20.67 -12.95 -29.42
CA ALA D 84 21.38 -14.11 -29.88
C ALA D 84 21.97 -14.87 -28.74
N ILE D 85 22.47 -16.07 -29.04
CA ILE D 85 23.09 -16.94 -28.04
C ILE D 85 24.56 -16.99 -28.06
N ASN D 86 25.16 -16.38 -29.05
CA ASN D 86 26.56 -16.33 -29.05
C ASN D 86 26.90 -15.34 -27.98
N ASN D 87 26.22 -14.21 -28.01
CA ASN D 87 26.54 -13.19 -27.06
C ASN D 87 25.55 -13.22 -25.93
N THR D 88 25.90 -12.59 -24.84
CA THR D 88 25.05 -12.38 -23.70
C THR D 88 24.79 -10.91 -23.44
N LYS D 89 25.68 -10.04 -23.91
CA LYS D 89 25.43 -8.64 -23.78
C LYS D 89 24.11 -8.45 -24.46
N SER D 90 23.91 -9.18 -25.54
CA SER D 90 22.65 -9.10 -26.21
C SER D 90 21.56 -9.31 -25.25
N PHE D 91 21.59 -10.43 -24.55
CA PHE D 91 20.50 -10.75 -23.67
C PHE D 91 20.44 -9.79 -22.52
N GLU D 92 21.33 -8.81 -22.51
CA GLU D 92 21.16 -7.87 -21.45
C GLU D 92 20.60 -6.58 -21.98
N ASP D 93 20.63 -6.36 -23.28
CA ASP D 93 20.07 -5.18 -23.83
C ASP D 93 18.59 -5.43 -24.05
N ILE D 94 18.20 -6.70 -24.17
CA ILE D 94 16.81 -7.08 -24.50
C ILE D 94 15.74 -6.46 -23.66
N HIS D 95 16.08 -6.15 -22.41
CA HIS D 95 15.07 -5.55 -21.51
C HIS D 95 14.93 -4.08 -21.89
N HIS D 96 16.04 -3.44 -22.19
CA HIS D 96 16.00 -1.99 -22.45
C HIS D 96 15.16 -1.73 -23.69
N TYR D 97 15.37 -2.55 -24.71
CA TYR D 97 14.61 -2.39 -25.96
C TYR D 97 13.14 -2.62 -25.66
N ARG D 98 12.82 -3.72 -24.99
CA ARG D 98 11.40 -4.06 -24.73
C ARG D 98 10.74 -2.89 -24.04
N GLU D 99 11.39 -2.36 -23.02
CA GLU D 99 10.81 -1.27 -22.22
C GLU D 99 10.67 0.02 -23.03
N GLN D 100 11.67 0.38 -23.83
CA GLN D 100 11.56 1.58 -24.71
C GLN D 100 10.41 1.44 -25.73
N ILE D 101 10.10 0.22 -26.16
CA ILE D 101 8.92 -0.03 -27.06
C ILE D 101 7.62 0.27 -26.30
N LYS D 102 7.57 -0.03 -25.02
CA LYS D 102 6.38 0.29 -24.20
C LYS D 102 6.26 1.80 -24.01
N ARG D 103 7.37 2.49 -23.90
CA ARG D 103 7.32 3.97 -23.78
C ARG D 103 6.76 4.58 -25.07
N VAL D 104 7.29 4.17 -26.22
CA VAL D 104 6.90 4.85 -27.49
C VAL D 104 5.45 4.47 -27.79
N LYS D 105 5.08 3.23 -27.49
CA LYS D 105 3.75 2.77 -27.78
C LYS D 105 2.74 3.10 -26.69
N ASP D 106 3.15 3.77 -25.63
CA ASP D 106 2.27 4.18 -24.52
C ASP D 106 1.46 3.05 -23.92
N SER D 107 2.00 1.86 -23.93
CA SER D 107 1.30 0.82 -23.32
C SER D 107 2.20 -0.31 -22.86
N GLU D 108 1.70 -1.11 -21.93
CA GLU D 108 2.45 -2.25 -21.43
C GLU D 108 2.32 -3.41 -22.40
N ASP D 109 1.20 -3.45 -23.12
CA ASP D 109 0.96 -4.58 -24.01
C ASP D 109 1.17 -4.22 -25.46
N VAL D 110 2.29 -4.66 -26.03
CA VAL D 110 2.55 -4.41 -27.43
C VAL D 110 2.92 -5.69 -28.15
N PRO D 111 2.22 -5.98 -29.25
CA PRO D 111 2.53 -7.16 -30.03
C PRO D 111 4.05 -7.24 -30.08
N MET D 112 4.64 -8.36 -29.69
CA MET D 112 6.08 -8.45 -29.61
C MET D 112 6.55 -9.90 -29.59
N VAL D 113 7.81 -10.15 -29.92
CA VAL D 113 8.33 -11.52 -29.86
C VAL D 113 9.81 -11.58 -29.56
N LEU D 114 10.17 -12.26 -28.48
CA LEU D 114 11.58 -12.46 -28.18
C LEU D 114 12.08 -13.47 -29.17
N VAL D 115 13.35 -13.40 -29.54
CA VAL D 115 13.84 -14.30 -30.56
C VAL D 115 15.20 -14.61 -30.22
N GLY D 116 15.55 -15.88 -30.09
CA GLY D 116 16.96 -16.23 -29.85
C GLY D 116 17.66 -16.60 -31.14
N ASN D 117 18.75 -15.91 -31.51
CA ASN D 117 19.36 -16.35 -32.81
C ASN D 117 20.73 -17.04 -32.73
N LYS D 118 21.23 -17.53 -33.87
CA LYS D 118 22.43 -18.26 -34.09
C LYS D 118 22.51 -19.58 -33.37
N SER D 119 21.51 -20.42 -33.60
CA SER D 119 21.47 -21.74 -32.93
C SER D 119 21.91 -22.83 -33.91
N PRO D 122 27.00 -23.20 -30.99
CA PRO D 122 28.20 -23.84 -30.44
C PRO D 122 28.64 -23.19 -29.12
N SER D 123 28.56 -21.88 -29.04
CA SER D 123 28.95 -21.15 -27.84
C SER D 123 27.91 -21.36 -26.74
N ARG D 124 26.65 -21.13 -27.09
CA ARG D 124 25.52 -21.30 -26.18
C ARG D 124 25.73 -20.61 -24.83
N THR D 125 25.74 -19.28 -24.84
CA THR D 125 25.92 -18.50 -23.62
C THR D 125 24.62 -18.44 -22.82
N VAL D 126 23.50 -18.50 -23.51
CA VAL D 126 22.24 -18.41 -22.84
C VAL D 126 21.28 -19.55 -23.19
N ASP D 127 21.02 -20.40 -22.20
CA ASP D 127 20.18 -21.59 -22.48
C ASP D 127 18.74 -21.19 -22.80
N THR D 128 18.00 -22.03 -23.52
CA THR D 128 16.58 -21.73 -23.83
C THR D 128 15.80 -21.58 -22.51
N ALA D 131 16.29 -17.52 -22.47
CA ALA D 131 15.52 -17.78 -21.23
C ALA D 131 14.04 -17.92 -21.59
N GLN D 132 13.64 -19.09 -22.03
CA GLN D 132 12.22 -19.39 -22.34
C GLN D 132 11.35 -18.85 -21.21
N ASP D 133 11.85 -18.96 -19.99
CA ASP D 133 11.08 -18.45 -18.82
C ASP D 133 10.89 -16.94 -18.96
N LEU D 134 11.94 -16.21 -19.32
CA LEU D 134 11.85 -14.73 -19.42
C LEU D 134 10.73 -14.39 -20.40
N ALA D 135 10.73 -15.07 -21.53
CA ALA D 135 9.73 -14.71 -22.55
C ALA D 135 8.34 -14.87 -21.95
N ARG D 136 8.15 -15.89 -21.11
CA ARG D 136 6.79 -16.13 -20.56
C ARG D 136 6.37 -14.93 -19.73
N SER D 137 7.28 -14.39 -18.92
CA SER D 137 6.98 -13.17 -18.13
C SER D 137 6.72 -12.02 -19.10
N TYR D 138 7.48 -11.96 -20.18
CA TYR D 138 7.26 -10.90 -21.19
C TYR D 138 5.87 -11.14 -21.79
N GLY D 139 5.34 -12.35 -21.64
CA GLY D 139 3.99 -12.67 -22.15
C GLY D 139 4.06 -12.80 -23.65
N ILE D 140 5.24 -13.18 -24.14
CA ILE D 140 5.43 -13.19 -25.61
C ILE D 140 6.07 -14.50 -26.07
N PRO D 141 5.93 -14.85 -27.36
CA PRO D 141 6.51 -16.07 -27.93
C PRO D 141 8.02 -16.15 -28.09
N PHE D 142 8.49 -17.17 -28.81
CA PHE D 142 9.95 -17.40 -29.03
C PHE D 142 10.09 -18.27 -30.28
N ILE D 143 11.01 -17.96 -31.20
CA ILE D 143 11.06 -18.80 -32.43
C ILE D 143 12.40 -19.52 -32.57
N GLU D 144 13.34 -19.31 -31.63
CA GLU D 144 14.59 -20.10 -31.71
C GLU D 144 15.05 -20.02 -33.16
N THR D 145 15.10 -18.81 -33.72
CA THR D 145 15.38 -18.64 -35.15
C THR D 145 16.82 -19.01 -35.52
N SER D 146 17.04 -19.30 -36.81
CA SER D 146 18.40 -19.58 -37.32
C SER D 146 18.43 -19.07 -38.76
N ALA D 147 18.99 -17.89 -38.98
CA ALA D 147 19.03 -17.28 -40.32
C ALA D 147 19.92 -18.14 -41.21
N LYS D 148 20.91 -18.78 -40.61
CA LYS D 148 21.77 -19.70 -41.38
C LYS D 148 20.90 -20.84 -41.90
N THR D 149 19.98 -21.32 -41.08
CA THR D 149 19.11 -22.45 -41.47
C THR D 149 17.67 -22.03 -41.18
N ASP D 155 12.92 -19.65 -39.56
CA ASP D 155 12.81 -18.17 -39.70
C ASP D 155 11.33 -17.83 -39.67
N ALA D 156 10.78 -17.70 -38.47
CA ALA D 156 9.32 -17.47 -38.43
C ALA D 156 9.01 -16.10 -37.81
N PHE D 157 8.51 -15.18 -38.63
CA PHE D 157 8.03 -13.90 -38.09
C PHE D 157 6.53 -14.10 -37.98
N TYR D 158 6.01 -15.14 -38.65
CA TYR D 158 4.61 -15.40 -38.49
C TYR D 158 4.41 -15.70 -37.04
N THR D 159 5.42 -16.18 -36.40
CA THR D 159 5.23 -16.42 -34.99
C THR D 159 4.72 -15.14 -34.37
N LEU D 160 5.40 -14.03 -34.60
CA LEU D 160 4.98 -12.74 -34.08
C LEU D 160 3.69 -12.26 -34.71
N VAL D 161 3.50 -12.53 -35.98
CA VAL D 161 2.29 -11.93 -36.57
C VAL D 161 1.02 -12.37 -35.91
N ARG D 162 1.05 -13.32 -35.01
CA ARG D 162 -0.23 -13.69 -34.45
C ARG D 162 -0.67 -12.59 -33.52
N GLU D 163 0.18 -12.29 -32.58
CA GLU D 163 -0.09 -11.29 -31.53
C GLU D 163 -0.74 -10.06 -32.03
N ILE D 164 -0.28 -9.61 -33.18
CA ILE D 164 -0.76 -8.36 -33.68
C ILE D 164 -2.17 -8.55 -34.09
N ARG D 165 -2.48 -9.72 -34.58
CA ARG D 165 -3.84 -9.97 -35.04
C ARG D 165 -4.70 -9.97 -33.84
N LYS D 166 -4.29 -10.73 -32.83
CA LYS D 166 -5.07 -10.82 -31.63
C LYS D 166 -5.42 -9.44 -31.15
N HIS D 167 -4.58 -8.46 -31.44
CA HIS D 167 -4.80 -7.14 -30.93
C HIS D 167 -6.01 -6.50 -31.59
N MET E 1 -9.23 -4.20 -15.34
CA MET E 1 -9.58 -4.76 -14.10
C MET E 1 -10.11 -6.13 -14.37
N ASP E 2 -9.23 -7.12 -14.44
CA ASP E 2 -9.54 -8.53 -14.61
C ASP E 2 -10.46 -9.13 -13.53
N VAL E 3 -11.13 -10.22 -13.86
CA VAL E 3 -11.97 -10.93 -12.91
C VAL E 3 -11.78 -12.41 -13.18
N PHE E 4 -11.72 -13.22 -12.13
CA PHE E 4 -11.46 -14.65 -12.22
C PHE E 4 -12.74 -15.40 -11.96
N LEU E 5 -13.04 -16.35 -12.82
CA LEU E 5 -14.30 -16.99 -12.70
C LEU E 5 -14.27 -18.46 -12.74
N MET E 6 -15.35 -19.07 -12.32
CA MET E 6 -15.50 -20.49 -12.51
C MET E 6 -16.91 -20.66 -13.11
N ILE E 7 -17.01 -21.03 -14.38
CA ILE E 7 -18.33 -21.29 -14.95
C ILE E 7 -18.51 -22.77 -14.92
N ARG E 8 -19.65 -23.19 -14.43
CA ARG E 8 -19.83 -24.58 -14.18
C ARG E 8 -21.16 -25.18 -14.59
N ARG E 9 -21.14 -26.39 -15.13
CA ARG E 9 -22.34 -27.01 -15.58
C ARG E 9 -22.26 -28.42 -15.11
N HIS E 10 -23.15 -28.77 -14.19
CA HIS E 10 -23.15 -30.09 -13.67
C HIS E 10 -21.80 -30.39 -13.10
N LYS E 11 -21.08 -31.35 -13.66
CA LYS E 11 -19.81 -31.75 -13.01
C LYS E 11 -18.59 -31.16 -13.73
N THR E 12 -18.78 -30.46 -14.83
CA THR E 12 -17.65 -29.94 -15.55
C THR E 12 -17.45 -28.50 -15.13
N THR E 13 -16.32 -28.13 -14.68
CA THR E 13 -16.13 -26.80 -14.22
C THR E 13 -14.92 -26.22 -14.84
N ILE E 14 -14.94 -24.97 -15.27
CA ILE E 14 -13.80 -24.40 -15.89
C ILE E 14 -13.45 -23.12 -15.16
N PHE E 15 -12.17 -22.96 -14.81
CA PHE E 15 -11.69 -21.79 -14.19
C PHE E 15 -11.15 -20.95 -15.33
N THR E 16 -11.39 -19.66 -15.33
CA THR E 16 -10.86 -18.80 -16.34
C THR E 16 -10.83 -17.38 -15.89
N ASP E 17 -10.15 -16.54 -16.63
CA ASP E 17 -10.12 -15.15 -16.35
C ASP E 17 -10.62 -14.43 -17.56
N ALA E 18 -11.37 -13.38 -17.37
CA ALA E 18 -11.75 -12.51 -18.44
C ALA E 18 -11.57 -11.05 -17.97
N LYS E 19 -11.97 -10.04 -18.72
CA LYS E 19 -11.77 -8.69 -18.22
C LYS E 19 -13.03 -8.12 -17.65
N GLU E 20 -13.05 -7.10 -16.81
CA GLU E 20 -14.32 -6.55 -16.38
C GLU E 20 -14.93 -5.84 -17.53
N SER E 21 -14.16 -5.44 -18.53
CA SER E 21 -14.80 -4.80 -19.68
C SER E 21 -15.31 -5.84 -20.72
N SER E 22 -15.34 -7.12 -20.38
CA SER E 22 -15.75 -8.14 -21.37
C SER E 22 -17.26 -8.32 -21.44
N THR E 23 -17.84 -8.38 -22.65
CA THR E 23 -19.28 -8.70 -22.84
C THR E 23 -19.52 -10.18 -22.56
N VAL E 24 -20.71 -10.52 -22.06
CA VAL E 24 -21.05 -11.95 -21.79
C VAL E 24 -20.93 -12.71 -23.11
N PHE E 25 -21.35 -12.10 -24.21
CA PHE E 25 -21.21 -12.82 -25.43
C PHE E 25 -19.73 -13.13 -25.66
N GLU E 26 -18.79 -12.25 -25.33
CA GLU E 26 -17.38 -12.56 -25.49
C GLU E 26 -16.98 -13.77 -24.68
N LEU E 27 -17.49 -13.86 -23.45
CA LEU E 27 -17.20 -14.98 -22.57
C LEU E 27 -17.95 -16.15 -23.08
N LYS E 28 -19.17 -15.93 -23.65
CA LYS E 28 -19.93 -17.04 -24.31
C LYS E 28 -19.05 -17.62 -25.36
N ARG E 29 -18.43 -16.72 -26.09
CA ARG E 29 -17.53 -17.13 -27.09
C ARG E 29 -16.37 -17.83 -26.48
N ILE E 30 -16.04 -17.67 -25.20
CA ILE E 30 -14.94 -18.48 -24.68
C ILE E 30 -15.19 -19.95 -24.36
N VAL E 31 -16.35 -20.30 -23.82
CA VAL E 31 -16.62 -21.70 -23.50
C VAL E 31 -16.60 -22.52 -24.71
N GLU E 32 -16.87 -21.73 -25.83
CA GLU E 32 -16.79 -22.31 -27.12
C GLU E 32 -15.44 -22.98 -27.23
N GLY E 33 -14.39 -22.29 -27.08
CA GLY E 33 -13.09 -22.82 -27.31
C GLY E 33 -12.81 -24.09 -26.62
N ILE E 34 -13.35 -24.24 -25.42
CA ILE E 34 -13.03 -25.43 -24.58
C ILE E 34 -14.13 -26.48 -24.70
N LEU E 35 -15.38 -26.07 -24.63
CA LEU E 35 -16.45 -27.03 -24.64
C LEU E 35 -17.14 -27.21 -25.97
N LYS E 36 -16.57 -26.67 -27.05
CA LYS E 36 -17.11 -26.86 -28.39
C LYS E 36 -18.61 -26.81 -28.49
N ARG E 37 -19.24 -25.88 -27.81
CA ARG E 37 -20.67 -25.74 -27.83
C ARG E 37 -20.83 -24.30 -28.11
N PRO E 38 -21.45 -23.94 -29.21
CA PRO E 38 -21.55 -22.57 -29.62
C PRO E 38 -22.26 -21.65 -28.73
N PRO E 39 -22.07 -20.36 -28.95
CA PRO E 39 -22.83 -19.42 -28.13
C PRO E 39 -24.34 -19.42 -28.32
N ASP E 40 -24.89 -19.99 -29.39
CA ASP E 40 -26.33 -20.12 -29.60
C ASP E 40 -26.87 -20.98 -28.54
N GLU E 41 -26.11 -21.98 -28.16
CA GLU E 41 -26.57 -22.96 -27.20
C GLU E 41 -26.30 -22.67 -25.72
N GLN E 42 -25.56 -21.60 -25.43
CA GLN E 42 -25.18 -21.31 -24.02
C GLN E 42 -26.09 -20.28 -23.34
N ARG E 43 -26.50 -20.54 -22.10
CA ARG E 43 -27.24 -19.52 -21.31
C ARG E 43 -26.49 -19.35 -19.99
N LEU E 44 -25.91 -18.18 -19.73
CA LEU E 44 -25.06 -18.02 -18.53
C LEU E 44 -25.86 -17.42 -17.38
N TYR E 45 -25.43 -17.71 -16.16
CA TYR E 45 -26.16 -17.23 -15.01
C TYR E 45 -25.34 -16.59 -13.85
N LYS E 46 -25.82 -15.51 -13.27
CA LYS E 46 -25.17 -14.97 -12.09
C LYS E 46 -26.19 -15.28 -10.99
N ASP E 47 -25.85 -16.17 -10.06
CA ASP E 47 -26.77 -16.62 -9.04
C ASP E 47 -28.04 -17.18 -9.77
N ASP E 48 -29.24 -16.60 -9.69
CA ASP E 48 -30.37 -17.18 -10.37
C ASP E 48 -30.99 -16.28 -11.43
N GLN E 49 -30.31 -15.21 -11.79
CA GLN E 49 -30.77 -14.33 -12.85
C GLN E 49 -30.09 -14.72 -14.13
N LEU E 50 -30.55 -14.30 -15.26
CA LEU E 50 -29.85 -14.62 -16.46
C LEU E 50 -29.16 -13.40 -16.95
N LEU E 51 -28.19 -13.61 -17.81
CA LEU E 51 -27.44 -12.51 -18.35
C LEU E 51 -27.62 -12.38 -19.83
N ASP E 52 -27.70 -11.12 -20.28
CA ASP E 52 -27.90 -10.83 -21.73
C ASP E 52 -26.65 -11.28 -22.46
N ASP E 53 -26.79 -11.76 -23.69
CA ASP E 53 -25.59 -12.31 -24.34
C ASP E 53 -24.64 -11.13 -24.43
N GLY E 54 -25.14 -9.95 -24.75
CA GLY E 54 -24.15 -8.87 -24.70
C GLY E 54 -24.40 -7.91 -23.56
N LYS E 55 -23.53 -7.89 -22.56
CA LYS E 55 -23.51 -6.83 -21.53
C LYS E 55 -22.08 -6.94 -21.00
N THR E 56 -21.52 -5.88 -20.43
CA THR E 56 -20.18 -6.03 -19.82
C THR E 56 -20.34 -6.90 -18.57
N LEU E 57 -19.34 -7.74 -18.27
CA LEU E 57 -19.39 -8.57 -17.05
C LEU E 57 -19.61 -7.66 -15.84
N GLY E 58 -19.32 -6.36 -15.95
CA GLY E 58 -19.57 -5.40 -14.91
C GLY E 58 -21.02 -5.00 -14.82
N GLU E 59 -21.80 -5.11 -15.89
CA GLU E 59 -23.22 -4.73 -15.65
C GLU E 59 -23.82 -5.90 -14.88
N CYS E 60 -23.13 -7.04 -14.92
CA CYS E 60 -23.64 -8.28 -14.28
C CYS E 60 -23.08 -8.45 -12.86
N GLY E 61 -22.62 -7.39 -12.20
CA GLY E 61 -22.21 -7.52 -10.83
C GLY E 61 -20.85 -8.14 -10.61
N PHE E 62 -20.08 -8.42 -11.65
CA PHE E 62 -18.75 -9.06 -11.52
C PHE E 62 -17.63 -8.06 -11.37
N THR E 63 -17.44 -7.58 -10.18
CA THR E 63 -16.39 -6.64 -9.91
C THR E 63 -15.13 -7.35 -9.54
N SER E 64 -14.05 -6.62 -9.32
CA SER E 64 -12.83 -7.23 -8.95
C SER E 64 -12.75 -7.50 -7.49
N GLN E 65 -13.60 -6.94 -6.66
CA GLN E 65 -13.54 -7.24 -5.26
C GLN E 65 -14.33 -8.53 -5.00
N THR E 66 -15.14 -8.97 -5.97
CA THR E 66 -15.96 -10.14 -5.83
C THR E 66 -15.69 -11.29 -6.78
N ALA E 67 -14.60 -11.20 -7.52
CA ALA E 67 -14.23 -12.23 -8.34
C ALA E 67 -12.74 -12.27 -8.44
N ARG E 68 -12.09 -12.63 -7.37
CA ARG E 68 -10.67 -12.70 -7.35
C ARG E 68 -10.13 -14.07 -7.70
N PRO E 69 -8.84 -14.19 -7.99
CA PRO E 69 -8.33 -15.51 -8.28
C PRO E 69 -8.55 -16.53 -7.19
N GLN E 70 -8.42 -16.18 -5.93
CA GLN E 70 -8.66 -17.14 -4.91
C GLN E 70 -10.11 -17.47 -4.66
N ALA E 71 -11.03 -16.58 -4.91
CA ALA E 71 -12.43 -16.83 -4.67
C ALA E 71 -13.13 -16.46 -5.93
N PRO E 72 -12.99 -17.28 -6.95
CA PRO E 72 -13.57 -16.88 -8.20
C PRO E 72 -15.06 -16.84 -8.21
N ALA E 73 -15.58 -15.91 -8.95
CA ALA E 73 -16.96 -15.74 -9.03
C ALA E 73 -17.51 -16.88 -9.75
N THR E 74 -18.67 -17.33 -9.30
CA THR E 74 -19.33 -18.43 -9.91
C THR E 74 -20.32 -17.98 -10.98
N VAL E 75 -20.09 -18.41 -12.20
CA VAL E 75 -20.99 -18.07 -13.27
C VAL E 75 -21.57 -19.35 -13.91
N GLY E 76 -22.81 -19.69 -13.58
CA GLY E 76 -23.42 -20.92 -14.08
C GLY E 76 -23.71 -20.91 -15.54
N LEU E 77 -23.78 -22.08 -16.16
CA LEU E 77 -23.93 -22.10 -17.58
C LEU E 77 -25.01 -23.09 -17.89
N ALA E 78 -25.90 -22.78 -18.86
CA ALA E 78 -26.99 -23.66 -19.26
C ALA E 78 -26.92 -23.95 -20.77
N PHE E 79 -27.07 -25.20 -21.17
CA PHE E 79 -26.95 -25.57 -22.58
C PHE E 79 -28.30 -25.83 -23.27
N ARG E 80 -28.33 -25.75 -24.60
CA ARG E 80 -29.58 -25.92 -25.29
C ARG E 80 -29.87 -27.35 -25.57
N ALA E 81 -31.08 -27.77 -25.27
CA ALA E 81 -31.46 -29.13 -25.49
C ALA E 81 -32.01 -29.31 -26.89
N ASP E 82 -31.12 -29.40 -27.89
CA ASP E 82 -31.58 -29.46 -29.27
C ASP E 82 -32.82 -28.58 -29.47
N THR E 84 -35.03 -25.69 -27.01
CA THR E 84 -35.38 -26.11 -25.67
C THR E 84 -34.22 -25.93 -24.75
N PHE E 85 -34.23 -24.93 -23.89
CA PHE E 85 -33.05 -24.69 -23.10
C PHE E 85 -33.16 -25.46 -21.82
N GLU E 86 -32.04 -25.83 -21.29
CA GLU E 86 -32.06 -26.67 -20.11
C GLU E 86 -32.35 -25.89 -18.84
N ALA E 87 -32.83 -26.58 -17.83
CA ALA E 87 -33.07 -25.96 -16.58
C ALA E 87 -31.76 -25.99 -15.91
N LEU E 88 -31.30 -24.93 -15.32
CA LEU E 88 -29.97 -24.95 -14.72
C LEU E 88 -29.77 -25.78 -13.42
N CYS E 89 -28.69 -26.58 -13.43
CA CYS E 89 -28.34 -27.39 -12.27
C CYS E 89 -26.86 -27.32 -12.12
N ILE E 90 -26.40 -26.86 -10.98
CA ILE E 90 -24.98 -26.83 -10.73
C ILE E 90 -24.76 -27.88 -9.67
N GLU E 91 -24.27 -29.04 -10.04
CA GLU E 91 -24.06 -30.08 -9.07
C GLU E 91 -23.17 -29.69 -7.94
N PRO E 92 -23.67 -29.77 -6.70
CA PRO E 92 -22.79 -29.36 -5.64
C PRO E 92 -21.52 -30.19 -5.47
N PHE E 93 -20.58 -29.62 -4.76
CA PHE E 93 -19.30 -30.21 -4.51
C PHE E 93 -19.34 -31.20 -3.38
N SER E 94 -18.21 -31.81 -3.05
CA SER E 94 -18.21 -32.82 -1.97
C SER E 94 -18.43 -32.13 -0.63
N SER E 95 -19.23 -32.69 0.27
CA SER E 95 -19.32 -32.12 1.56
C SER E 95 -18.09 -32.59 2.25
N PRO E 96 -17.44 -31.73 3.04
CA PRO E 96 -16.25 -32.15 3.75
C PRO E 96 -16.61 -32.60 5.13
N PRO E 97 -15.80 -33.43 5.76
CA PRO E 97 -16.16 -33.96 7.06
C PRO E 97 -16.31 -33.01 8.23
N GLU E 98 -16.73 -33.51 9.36
CA GLU E 98 -16.91 -32.68 10.50
C GLU E 98 -15.55 -32.32 11.07
N LEU E 99 -15.46 -31.15 11.67
CA LEU E 99 -14.17 -30.64 12.18
C LEU E 99 -13.66 -31.53 13.30
N PRO E 100 -12.46 -32.11 13.15
CA PRO E 100 -11.89 -32.90 14.21
C PRO E 100 -11.86 -32.02 15.46
N ASP E 101 -12.15 -32.59 16.63
CA ASP E 101 -12.21 -31.83 17.89
C ASP E 101 -10.83 -31.27 18.21
N VAL E 102 -9.81 -32.04 17.91
CA VAL E 102 -8.42 -31.58 18.14
C VAL E 102 -8.32 -30.17 17.57
N MET E 103 -9.14 -29.86 16.57
CA MET E 103 -9.10 -28.55 15.96
C MET E 103 -10.07 -27.56 16.48
N LYS E 104 -11.18 -28.03 17.02
CA LYS E 104 -12.17 -27.15 17.57
C LYS E 104 -11.45 -26.39 18.63
N MET F 2 -3.31 -26.77 -23.87
CA MET F 2 -3.80 -25.40 -23.55
C MET F 2 -4.92 -25.49 -22.52
N TYR F 3 -5.42 -26.68 -22.25
CA TYR F 3 -6.37 -26.88 -21.14
C TYR F 3 -6.16 -28.32 -20.65
N VAL F 4 -6.27 -28.55 -19.35
CA VAL F 4 -6.14 -29.94 -18.83
C VAL F 4 -7.35 -30.23 -17.97
N LYS F 5 -7.79 -31.50 -17.95
CA LYS F 5 -9.03 -31.85 -17.23
C LYS F 5 -8.70 -32.57 -15.93
N LEU F 6 -9.13 -31.99 -14.82
CA LEU F 6 -8.79 -32.58 -13.56
C LEU F 6 -10.00 -33.21 -12.91
N ILE F 7 -9.95 -34.48 -12.65
CA ILE F 7 -11.12 -35.19 -12.14
C ILE F 7 -11.01 -35.66 -10.72
N SER F 8 -12.00 -35.28 -9.91
CA SER F 8 -11.98 -35.59 -8.47
C SER F 8 -12.41 -37.02 -8.20
N SER F 9 -12.39 -37.42 -6.93
CA SER F 9 -12.91 -38.75 -6.58
C SER F 9 -14.40 -38.79 -6.87
N ASP F 10 -15.12 -37.77 -6.40
CA ASP F 10 -16.59 -37.72 -6.61
C ASP F 10 -16.87 -37.47 -8.10
N GLY F 11 -15.84 -37.36 -8.92
CA GLY F 11 -16.02 -37.26 -10.39
C GLY F 11 -16.23 -35.89 -11.01
N HIS F 12 -16.15 -34.78 -10.27
CA HIS F 12 -16.30 -33.47 -10.96
C HIS F 12 -15.14 -33.27 -11.94
N GLU F 13 -15.42 -32.72 -13.13
CA GLU F 13 -14.38 -32.44 -14.06
C GLU F 13 -13.99 -30.97 -13.95
N PHE F 14 -12.75 -30.67 -13.63
CA PHE F 14 -12.33 -29.32 -13.53
C PHE F 14 -11.44 -29.05 -14.69
N ILE F 15 -11.75 -28.02 -15.48
CA ILE F 15 -10.91 -27.62 -16.65
C ILE F 15 -10.04 -26.42 -16.27
N VAL F 16 -8.75 -26.64 -16.12
CA VAL F 16 -7.82 -25.55 -15.74
C VAL F 16 -6.75 -25.43 -16.82
N LYS F 17 -6.31 -24.22 -17.13
CA LYS F 17 -5.31 -24.04 -18.20
C LYS F 17 -4.11 -24.92 -17.88
N ARG F 18 -3.39 -25.40 -18.91
CA ARG F 18 -2.28 -26.36 -18.67
C ARG F 18 -1.17 -25.76 -17.81
N GLU F 19 -0.73 -24.53 -18.10
CA GLU F 19 0.45 -23.98 -17.37
C GLU F 19 0.05 -23.81 -15.91
N HIS F 20 -1.21 -23.45 -15.66
CA HIS F 20 -1.62 -23.27 -14.31
C HIS F 20 -1.66 -24.57 -13.60
N ALA F 21 -1.67 -25.68 -14.31
CA ALA F 21 -1.60 -26.96 -13.63
C ALA F 21 -0.20 -27.44 -13.34
N LEU F 22 0.77 -27.00 -14.11
CA LEU F 22 2.13 -27.46 -13.94
C LEU F 22 2.74 -26.79 -12.74
N THR F 23 1.93 -26.11 -11.95
CA THR F 23 2.40 -25.53 -10.72
C THR F 23 2.57 -26.68 -9.74
N SER F 24 2.14 -27.88 -10.13
CA SER F 24 2.37 -29.00 -9.28
C SER F 24 3.44 -29.88 -9.83
N GLY F 25 4.29 -30.44 -9.03
CA GLY F 25 5.32 -31.29 -9.56
C GLY F 25 4.71 -32.61 -9.91
N THR F 26 3.89 -33.14 -9.03
CA THR F 26 3.20 -34.39 -9.25
C THR F 26 2.26 -34.38 -10.41
N ILE F 27 1.78 -33.23 -10.85
CA ILE F 27 0.92 -33.18 -12.03
C ILE F 27 1.76 -32.83 -13.22
N LYS F 28 2.93 -32.31 -13.04
CA LYS F 28 3.81 -32.05 -14.13
C LYS F 28 4.39 -33.34 -14.54
N ALA F 29 4.58 -34.25 -13.62
CA ALA F 29 5.17 -35.53 -13.92
C ALA F 29 4.24 -36.36 -14.75
N MET F 30 2.99 -36.37 -14.34
CA MET F 30 1.95 -37.15 -14.99
C MET F 30 1.75 -36.83 -16.47
N LEU F 31 1.95 -35.61 -16.89
CA LEU F 31 1.83 -35.27 -18.27
C LEU F 31 3.27 -35.22 -18.85
N SER F 32 3.46 -34.48 -19.93
CA SER F 32 4.81 -34.34 -20.45
C SER F 32 5.77 -34.27 -19.30
N ASN F 43 -3.26 -36.63 -20.62
CA ASN F 43 -3.58 -35.22 -20.81
C ASN F 43 -4.84 -34.89 -20.09
N GLU F 44 -5.23 -35.74 -19.15
CA GLU F 44 -6.38 -35.48 -18.31
C GLU F 44 -6.01 -36.29 -17.09
N VAL F 45 -5.94 -35.68 -15.92
CA VAL F 45 -5.53 -36.49 -14.79
C VAL F 45 -6.68 -36.83 -13.85
N ASN F 46 -6.65 -38.03 -13.28
CA ASN F 46 -7.75 -38.47 -12.44
C ASN F 46 -7.33 -38.69 -11.03
N PHE F 47 -8.12 -38.17 -10.10
CA PHE F 47 -7.74 -38.28 -8.74
C PHE F 47 -8.74 -39.00 -7.94
N ARG F 48 -8.37 -40.13 -7.37
CA ARG F 48 -9.21 -40.85 -6.45
C ARG F 48 -9.00 -40.31 -5.07
N GLU F 49 -7.84 -39.77 -4.83
CA GLU F 49 -7.54 -39.34 -3.53
C GLU F 49 -8.15 -38.04 -3.20
N ILE F 50 -8.50 -37.24 -4.18
CA ILE F 50 -8.97 -35.92 -3.86
C ILE F 50 -10.41 -35.52 -4.18
N PRO F 51 -11.27 -35.28 -3.16
CA PRO F 51 -12.68 -34.95 -3.40
C PRO F 51 -12.84 -33.62 -4.12
N SER F 52 -14.06 -33.31 -4.58
CA SER F 52 -14.28 -32.08 -5.37
C SER F 52 -14.13 -30.82 -4.52
N HIS F 53 -14.45 -30.88 -3.24
CA HIS F 53 -14.29 -29.70 -2.35
C HIS F 53 -12.80 -29.43 -2.18
N VAL F 54 -11.97 -30.35 -2.66
CA VAL F 54 -10.50 -30.20 -2.50
C VAL F 54 -9.87 -29.94 -3.87
N LEU F 55 -10.39 -30.49 -4.95
CA LEU F 55 -9.76 -30.20 -6.16
C LEU F 55 -10.23 -28.86 -6.61
N SER F 56 -11.40 -28.44 -6.18
CA SER F 56 -11.86 -27.14 -6.54
C SER F 56 -10.91 -26.14 -5.97
N LYS F 57 -10.67 -26.18 -4.68
CA LYS F 57 -9.80 -25.22 -4.04
C LYS F 57 -8.35 -25.26 -4.55
N VAL F 58 -7.87 -26.46 -4.90
CA VAL F 58 -6.52 -26.56 -5.37
C VAL F 58 -6.41 -25.90 -6.66
N CYS F 59 -7.46 -25.85 -7.41
CA CYS F 59 -7.41 -25.19 -8.65
C CYS F 59 -7.37 -23.73 -8.39
N MET F 60 -8.07 -23.28 -7.37
CA MET F 60 -8.05 -21.84 -7.02
C MET F 60 -6.63 -21.42 -6.63
N TYR F 61 -5.86 -22.28 -5.98
CA TYR F 61 -4.45 -21.93 -5.69
C TYR F 61 -3.67 -21.79 -6.98
N PHE F 62 -3.89 -22.72 -7.90
CA PHE F 62 -3.20 -22.62 -9.21
C PHE F 62 -3.43 -21.21 -9.74
N THR F 63 -4.68 -20.78 -9.82
CA THR F 63 -4.95 -19.44 -10.40
C THR F 63 -4.21 -18.34 -9.60
N TYR F 64 -4.23 -18.36 -8.27
CA TYR F 64 -3.52 -17.37 -7.41
C TYR F 64 -1.99 -17.41 -7.61
N LYS F 65 -1.38 -18.59 -7.61
CA LYS F 65 0.09 -18.69 -7.71
C LYS F 65 0.55 -18.16 -9.06
N VAL F 66 -0.29 -18.21 -10.08
CA VAL F 66 0.21 -17.79 -11.33
C VAL F 66 0.01 -16.34 -11.49
N ARG F 67 -0.95 -15.76 -10.81
CA ARG F 67 -1.20 -14.36 -10.94
C ARG F 67 -0.41 -13.53 -10.01
N TYR F 68 -0.09 -14.02 -8.83
CA TYR F 68 0.56 -13.17 -7.80
C TYR F 68 2.07 -13.41 -7.70
N THR F 69 2.59 -14.53 -8.17
CA THR F 69 4.05 -14.79 -8.17
C THR F 69 4.72 -13.76 -9.05
N ASN F 70 5.86 -13.26 -8.61
CA ASN F 70 6.60 -12.19 -9.34
C ASN F 70 5.73 -10.93 -9.44
N SER F 71 4.80 -10.73 -8.51
CA SER F 71 4.07 -9.44 -8.45
C SER F 71 5.03 -8.46 -7.80
N SER F 72 4.75 -7.17 -7.93
CA SER F 72 5.67 -6.15 -7.39
C SER F 72 4.90 -5.29 -6.40
N THR F 73 3.73 -5.74 -5.97
CA THR F 73 2.89 -4.99 -5.03
C THR F 73 2.23 -5.98 -4.09
N GLU F 74 1.32 -5.52 -3.24
CA GLU F 74 0.71 -6.40 -2.21
C GLU F 74 -0.07 -7.56 -2.80
N ILE F 75 0.06 -8.72 -2.17
CA ILE F 75 -0.63 -9.96 -2.57
C ILE F 75 -1.63 -10.26 -1.46
N PRO F 76 -2.85 -10.70 -1.78
CA PRO F 76 -3.81 -11.08 -0.80
C PRO F 76 -3.53 -12.49 -0.25
N GLU F 77 -3.95 -12.73 0.98
CA GLU F 77 -3.79 -14.05 1.63
C GLU F 77 -4.62 -15.13 0.93
N PHE F 78 -4.10 -16.35 0.87
CA PHE F 78 -4.85 -17.51 0.32
C PHE F 78 -5.76 -18.06 1.42
N PRO F 79 -7.08 -17.90 1.26
CA PRO F 79 -8.05 -18.28 2.27
C PRO F 79 -8.29 -19.72 2.38
N ILE F 80 -8.35 -20.34 3.56
CA ILE F 80 -8.53 -21.81 3.73
C ILE F 80 -9.39 -22.06 4.96
N ALA F 81 -10.65 -22.45 4.74
CA ALA F 81 -11.52 -22.70 5.90
C ALA F 81 -11.07 -23.87 6.72
N PRO F 82 -11.17 -23.81 8.03
CA PRO F 82 -10.77 -24.91 8.89
C PRO F 82 -11.35 -26.25 8.55
N GLU F 83 -12.51 -26.30 7.97
CA GLU F 83 -13.10 -27.52 7.56
C GLU F 83 -12.36 -28.17 6.47
N ILE F 84 -11.71 -27.39 5.62
CA ILE F 84 -10.96 -27.92 4.48
C ILE F 84 -9.45 -28.07 4.66
N ALA F 85 -8.92 -27.45 5.71
CA ALA F 85 -7.52 -27.43 5.98
C ALA F 85 -6.85 -28.74 5.94
N LEU F 86 -7.29 -29.69 6.72
CA LEU F 86 -6.64 -30.98 6.72
C LEU F 86 -6.58 -31.70 5.39
N GLU F 87 -7.65 -31.78 4.65
CA GLU F 87 -7.56 -32.49 3.41
C GLU F 87 -6.78 -31.71 2.43
N LEU F 88 -6.81 -30.39 2.44
CA LEU F 88 -5.99 -29.68 1.44
C LEU F 88 -4.52 -29.96 1.75
N LEU F 89 -4.14 -29.97 3.02
CA LEU F 89 -2.75 -30.35 3.38
C LEU F 89 -2.45 -31.71 2.76
N MET F 90 -3.34 -32.69 2.95
CA MET F 90 -3.06 -34.01 2.38
C MET F 90 -2.77 -33.82 0.91
N ALA F 91 -3.68 -33.24 0.20
CA ALA F 91 -3.50 -32.99 -1.17
C ALA F 91 -2.31 -32.14 -1.56
N ALA F 92 -1.95 -31.12 -0.82
CA ALA F 92 -0.83 -30.30 -1.23
C ALA F 92 0.42 -31.07 -1.05
N ASN F 93 0.50 -31.81 0.00
CA ASN F 93 1.60 -32.70 0.25
C ASN F 93 1.63 -33.69 -0.88
N PHE F 94 0.51 -34.25 -1.23
CA PHE F 94 0.51 -35.22 -2.27
C PHE F 94 0.84 -34.60 -3.56
N LEU F 95 0.31 -33.43 -3.86
CA LEU F 95 0.56 -32.87 -5.19
C LEU F 95 1.87 -32.07 -5.28
N ASP F 96 2.58 -31.91 -4.17
CA ASP F 96 3.82 -31.15 -4.16
C ASP F 96 3.66 -29.81 -4.88
N CYS F 97 2.84 -28.94 -4.31
CA CYS F 97 2.61 -27.62 -4.85
C CYS F 97 2.30 -26.64 -3.76
N ARG G 9 32.96 -15.02 10.12
CA ARG G 9 32.36 -13.66 10.25
C ARG G 9 31.12 -13.61 9.36
N PRO G 10 29.89 -13.62 9.92
CA PRO G 10 28.70 -13.68 9.09
C PRO G 10 28.72 -12.68 8.03
N VAL G 11 28.43 -13.05 6.81
CA VAL G 11 28.50 -12.05 5.80
C VAL G 11 27.20 -11.27 5.69
N LEU G 12 26.10 -11.84 6.14
CA LEU G 12 24.85 -11.18 6.15
C LEU G 12 24.73 -10.49 7.47
N ARG G 13 25.15 -9.22 7.46
CA ARG G 13 25.13 -8.41 8.68
C ARG G 13 25.09 -6.95 8.24
N SER G 14 25.06 -6.04 9.19
CA SER G 14 24.95 -4.62 8.87
C SER G 14 26.32 -3.96 8.91
N VAL G 15 26.50 -2.92 8.10
CA VAL G 15 27.76 -2.14 8.14
C VAL G 15 27.53 -1.04 9.18
N ASN G 16 28.47 -0.84 10.10
CA ASN G 16 28.34 0.24 11.10
C ASN G 16 28.77 1.54 10.43
N SER G 17 27.92 2.04 9.55
CA SER G 17 28.13 3.30 8.83
C SER G 17 28.07 4.48 9.79
N ARG G 18 27.15 4.43 10.74
CA ARG G 18 26.93 5.58 11.66
C ARG G 18 26.41 6.69 10.76
N GLU G 19 25.99 6.33 9.55
CA GLU G 19 25.50 7.31 8.56
C GLU G 19 23.99 7.16 8.47
N PRO G 20 23.24 8.07 9.13
CA PRO G 20 21.80 7.93 9.21
C PRO G 20 21.00 7.92 7.90
N SER G 21 19.92 7.12 7.87
CA SER G 21 19.02 6.99 6.70
C SER G 21 17.57 6.89 7.20
N GLN G 22 16.70 7.73 6.65
CA GLN G 22 15.33 7.68 7.06
C GLN G 22 14.50 6.78 6.16
N VAL G 23 13.95 5.72 6.71
CA VAL G 23 13.12 4.78 5.96
C VAL G 23 11.66 4.80 6.36
N ILE G 24 10.79 4.28 5.50
CA ILE G 24 9.37 4.12 5.90
C ILE G 24 9.11 2.61 5.97
N PHE G 25 8.46 2.18 7.02
CA PHE G 25 8.14 0.76 7.17
C PHE G 25 6.64 0.66 6.94
N CYS G 26 6.25 0.08 5.82
CA CYS G 26 4.83 0.01 5.45
C CYS G 26 4.39 -1.44 5.47
N ASN G 27 3.48 -1.75 6.39
CA ASN G 27 2.92 -3.11 6.50
C ASN G 27 1.75 -3.24 5.55
N ARG G 28 2.01 -3.65 4.31
CA ARG G 28 0.95 -3.92 3.30
C ARG G 28 0.74 -5.45 3.31
N SER G 29 0.83 -6.06 4.48
CA SER G 29 0.56 -7.50 4.71
C SER G 29 -0.68 -7.63 5.58
N PRO G 30 -1.39 -8.78 5.63
CA PRO G 30 -2.52 -8.94 6.53
C PRO G 30 -2.08 -9.32 7.94
N ARG G 31 -0.78 -9.54 8.14
CA ARG G 31 -0.27 -10.03 9.43
C ARG G 31 0.26 -8.92 10.33
N VAL G 32 0.73 -9.25 11.52
CA VAL G 32 1.44 -8.27 12.39
C VAL G 32 2.93 -8.46 12.11
N VAL G 33 3.58 -7.47 11.52
CA VAL G 33 5.01 -7.66 11.11
C VAL G 33 5.98 -7.36 12.24
N LEU G 34 6.99 -8.18 12.37
CA LEU G 34 8.10 -7.97 13.33
C LEU G 34 9.32 -7.58 12.51
N PRO G 35 9.73 -6.31 12.52
CA PRO G 35 10.91 -5.93 11.82
C PRO G 35 12.08 -6.62 12.53
N VAL G 36 12.93 -7.33 11.79
CA VAL G 36 14.15 -7.96 12.35
C VAL G 36 15.37 -7.24 11.78
N TRP G 37 16.31 -6.83 12.63
CA TRP G 37 17.52 -6.11 12.20
C TRP G 37 18.73 -7.02 12.39
N LEU G 38 19.42 -7.30 11.32
CA LEU G 38 20.63 -8.12 11.42
C LEU G 38 21.72 -7.21 11.96
N ASN G 39 22.25 -7.55 13.13
CA ASN G 39 23.19 -6.63 13.83
C ASN G 39 24.59 -6.68 13.21
N PHE G 40 25.53 -6.00 13.84
CA PHE G 40 26.90 -5.88 13.27
C PHE G 40 27.62 -7.22 13.30
N ASP G 41 27.15 -8.14 14.13
CA ASP G 41 27.75 -9.50 14.13
C ASP G 41 26.79 -10.46 13.40
N GLY G 42 25.79 -9.93 12.70
CA GLY G 42 24.87 -10.74 11.87
C GLY G 42 23.86 -11.55 12.65
N GLU G 43 23.57 -11.15 13.88
CA GLU G 43 22.53 -11.88 14.64
C GLU G 43 21.20 -11.11 14.63
N PRO G 44 20.09 -11.83 14.38
CA PRO G 44 18.79 -11.19 14.28
C PRO G 44 18.35 -10.44 15.54
N GLN G 45 18.04 -9.16 15.42
CA GLN G 45 17.61 -8.35 16.58
C GLN G 45 16.16 -7.92 16.44
N PRO G 46 15.26 -8.48 17.25
CA PRO G 46 13.88 -8.08 17.25
C PRO G 46 13.61 -6.58 17.50
N TYR G 47 12.68 -6.02 16.75
CA TYR G 47 12.30 -4.59 16.87
C TYR G 47 10.78 -4.49 17.02
N PRO G 48 10.23 -3.32 17.42
CA PRO G 48 8.82 -3.19 17.68
C PRO G 48 7.95 -3.56 16.49
N THR G 49 6.79 -4.15 16.75
CA THR G 49 5.89 -4.69 15.71
C THR G 49 5.04 -3.63 15.00
N LEU G 50 4.48 -4.02 13.85
CA LEU G 50 3.62 -3.13 13.05
C LEU G 50 2.30 -3.83 12.80
N PRO G 51 1.17 -3.22 13.21
CA PRO G 51 -0.15 -3.76 12.95
C PRO G 51 -0.51 -3.83 11.45
N PRO G 52 -1.34 -4.80 11.03
CA PRO G 52 -1.76 -4.94 9.63
C PRO G 52 -2.27 -3.63 8.99
N GLY G 53 -1.64 -3.19 7.91
CA GLY G 53 -2.01 -1.95 7.20
C GLY G 53 -1.24 -0.73 7.68
N THR G 54 -0.68 -0.76 8.88
CA THR G 54 0.06 0.40 9.44
C THR G 54 1.38 0.68 8.75
N GLY G 55 1.78 1.94 8.75
CA GLY G 55 3.07 2.36 8.21
C GLY G 55 3.75 3.34 9.16
N ARG G 56 5.06 3.17 9.36
CA ARG G 56 5.77 4.03 10.34
C ARG G 56 7.07 4.57 9.73
N ARG G 57 7.46 5.78 10.13
CA ARG G 57 8.74 6.35 9.67
C ARG G 57 9.82 5.86 10.62
N ILE G 58 10.88 5.28 10.09
CA ILE G 58 11.91 4.65 10.95
C ILE G 58 13.24 5.37 10.78
N HIS G 59 13.95 5.57 11.88
CA HIS G 59 15.31 6.12 11.82
C HIS G 59 16.28 4.94 11.79
N SER G 60 16.76 4.59 10.61
CA SER G 60 17.80 3.54 10.50
C SER G 60 19.08 4.16 9.94
N TYR G 61 19.99 3.32 9.48
CA TYR G 61 21.30 3.79 8.96
C TYR G 61 21.68 3.09 7.66
N ARG G 62 22.59 3.71 6.92
CA ARG G 62 23.03 3.17 5.61
C ARG G 62 23.70 1.82 5.80
N GLY G 63 23.44 0.90 4.90
CA GLY G 63 24.05 -0.44 4.95
C GLY G 63 23.35 -1.33 5.94
N HIS G 64 22.32 -0.82 6.62
CA HIS G 64 21.76 -1.71 7.66
C HIS G 64 20.81 -2.75 7.02
N LEU G 65 21.06 -4.03 7.28
CA LEU G 65 20.14 -5.08 6.78
C LEU G 65 18.87 -5.16 7.65
N TRP G 66 17.73 -5.48 7.05
CA TRP G 66 16.45 -5.66 7.78
C TRP G 66 15.65 -6.77 7.08
N LEU G 67 15.17 -7.77 7.81
CA LEU G 67 14.28 -8.82 7.28
C LEU G 67 12.97 -8.74 8.07
N PHE G 68 11.86 -9.20 7.50
CA PHE G 68 10.54 -8.98 8.14
C PHE G 68 9.78 -10.29 8.24
N ARG G 69 9.20 -10.58 9.39
CA ARG G 69 8.50 -11.86 9.62
C ARG G 69 7.16 -11.64 10.32
N ASP G 70 6.30 -12.64 10.34
CA ASP G 70 5.03 -12.60 11.10
C ASP G 70 5.41 -12.70 12.57
N ALA G 71 4.92 -11.80 13.39
CA ALA G 71 5.32 -11.77 14.81
C ALA G 71 4.92 -13.03 15.58
N GLY G 72 3.68 -13.49 15.45
CA GLY G 72 3.20 -14.72 16.10
C GLY G 72 3.73 -16.03 15.57
N THR G 73 3.86 -16.18 14.26
CA THR G 73 4.23 -17.48 13.65
C THR G 73 5.67 -17.50 13.12
N HIS G 74 6.33 -16.35 13.03
CA HIS G 74 7.65 -16.16 12.37
C HIS G 74 7.57 -16.67 10.94
N ASP G 75 6.36 -16.62 10.40
CA ASP G 75 6.14 -16.91 8.97
C ASP G 75 6.92 -15.86 8.19
N GLY G 76 7.44 -16.24 7.04
CA GLY G 76 8.30 -15.35 6.25
C GLY G 76 7.53 -14.35 5.44
N LEU G 77 8.06 -13.16 5.31
CA LEU G 77 7.41 -12.09 4.54
C LEU G 77 8.46 -11.47 3.62
N LEU G 78 8.06 -10.59 2.73
CA LEU G 78 8.95 -9.99 1.71
C LEU G 78 9.00 -8.47 1.87
N VAL G 79 10.03 -7.85 1.33
CA VAL G 79 10.20 -6.37 1.39
C VAL G 79 10.68 -5.84 0.04
N ASN G 80 9.96 -4.95 -0.60
CA ASN G 80 10.34 -4.51 -1.97
C ASN G 80 10.53 -5.78 -2.83
N GLN G 81 9.67 -6.78 -2.65
CA GLN G 81 9.62 -8.01 -3.49
C GLN G 81 10.82 -8.94 -3.29
N THR G 82 11.64 -8.70 -2.28
CA THR G 82 12.80 -9.56 -1.98
C THR G 82 12.80 -9.88 -0.48
N GLU G 83 13.71 -10.75 -0.06
CA GLU G 83 13.70 -11.20 1.36
C GLU G 83 14.44 -10.24 2.30
N LEU G 84 15.28 -9.38 1.78
CA LEU G 84 16.09 -8.49 2.65
C LEU G 84 15.94 -7.05 2.20
N PHE G 85 16.10 -6.13 3.13
CA PHE G 85 16.00 -4.73 2.79
C PHE G 85 17.19 -3.99 3.34
N VAL G 86 17.86 -3.23 2.49
CA VAL G 86 19.12 -2.55 2.92
C VAL G 86 19.01 -1.09 2.50
N PRO G 87 18.53 -0.19 3.39
CA PRO G 87 18.34 1.20 3.04
C PRO G 87 19.64 1.84 2.60
N SER G 88 19.58 2.61 1.53
CA SER G 88 20.74 3.40 1.05
C SER G 88 20.66 4.75 1.75
N LEU G 89 21.36 5.76 1.25
CA LEU G 89 21.23 7.13 1.81
C LEU G 89 20.07 7.88 1.15
N ASN G 90 19.40 8.70 1.92
CA ASN G 90 18.24 9.48 1.42
C ASN G 90 18.70 10.54 0.43
N VAL G 91 18.07 10.59 -0.75
CA VAL G 91 18.35 11.65 -1.74
C VAL G 91 17.51 12.89 -1.42
N ASP G 92 18.16 14.00 -1.12
CA ASP G 92 17.45 15.28 -0.85
C ASP G 92 16.40 15.14 0.25
N GLY G 93 16.75 14.57 1.39
CA GLY G 93 15.84 14.53 2.56
C GLY G 93 14.59 13.71 2.38
N GLN G 94 14.58 12.82 1.41
CA GLN G 94 13.42 12.05 1.15
C GLN G 94 13.58 10.61 1.55
N PRO G 95 12.63 10.10 2.30
CA PRO G 95 12.71 8.73 2.79
C PRO G 95 12.71 7.54 1.81
N ILE G 96 13.24 6.40 2.22
CA ILE G 96 13.27 5.15 1.40
C ILE G 96 12.10 4.26 1.85
N PHE G 97 11.40 3.62 0.92
CA PHE G 97 10.27 2.85 1.29
C PHE G 97 10.43 1.34 1.42
N ALA G 98 9.98 0.77 2.49
CA ALA G 98 10.03 -0.63 2.63
C ALA G 98 8.60 -1.12 2.68
N ASN G 99 8.15 -1.72 1.58
CA ASN G 99 6.86 -2.24 1.42
C ASN G 99 6.89 -3.71 1.77
N ILE G 100 6.29 -4.04 2.90
CA ILE G 100 6.29 -5.31 3.47
C ILE G 100 5.08 -6.05 2.98
N THR G 101 5.25 -7.04 2.13
CA THR G 101 4.11 -7.80 1.61
C THR G 101 4.17 -9.26 1.91
N LEU G 102 3.10 -10.00 1.63
CA LEU G 102 3.05 -11.46 1.80
C LEU G 102 3.75 -12.14 0.60
N PRO G 103 4.33 -13.32 0.78
CA PRO G 103 4.91 -14.05 -0.33
C PRO G 103 3.88 -14.97 -0.99
N VAL G 104 4.18 -15.53 -2.15
CA VAL G 104 3.27 -16.56 -2.70
C VAL G 104 3.74 -17.86 -2.08
N TYR G 105 3.08 -18.24 -1.00
CA TYR G 105 3.46 -19.45 -0.26
C TYR G 105 3.09 -20.69 -1.06
N THR G 106 3.79 -21.77 -0.80
CA THR G 106 3.39 -23.05 -1.41
C THR G 106 2.06 -23.42 -0.75
N LEU G 107 1.15 -24.04 -1.49
CA LEU G 107 -0.13 -24.49 -0.89
C LEU G 107 0.19 -25.28 0.36
N LYS G 108 1.22 -26.13 0.30
CA LYS G 108 1.55 -26.98 1.47
C LYS G 108 1.94 -26.07 2.64
N GLU G 109 2.75 -25.05 2.42
CA GLU G 109 3.19 -24.19 3.56
C GLU G 109 2.00 -23.41 4.11
N ARG G 110 1.12 -22.92 3.26
CA ARG G 110 -0.10 -22.22 3.74
C ARG G 110 -0.99 -23.18 4.55
N CYS G 111 -1.19 -24.41 4.07
CA CYS G 111 -2.02 -25.41 4.80
C CYS G 111 -1.33 -25.73 6.13
N LEU G 112 -0.01 -25.82 6.11
CA LEU G 112 0.71 -26.05 7.39
C LEU G 112 0.49 -24.83 8.28
N GLN G 113 0.51 -23.63 7.70
CA GLN G 113 0.39 -22.40 8.51
C GLN G 113 -0.96 -22.39 9.24
N VAL G 114 -2.04 -22.67 8.52
CA VAL G 114 -3.40 -22.64 9.13
C VAL G 114 -3.56 -23.79 10.14
N VAL G 115 -3.16 -25.01 9.78
CA VAL G 115 -3.36 -26.18 10.69
C VAL G 115 -2.54 -25.94 11.95
N ARG G 116 -1.37 -25.31 11.82
CA ARG G 116 -0.53 -25.00 13.00
C ARG G 116 -1.27 -24.04 13.91
N SER G 117 -2.20 -23.29 13.35
CA SER G 117 -2.92 -22.33 14.14
C SER G 117 -4.14 -22.90 14.79
N LEU G 118 -4.69 -23.93 14.23
CA LEU G 118 -5.89 -24.51 14.77
C LEU G 118 -5.67 -25.65 15.72
N VAL G 119 -4.51 -26.29 15.57
CA VAL G 119 -4.17 -27.51 16.37
C VAL G 119 -2.94 -27.25 17.23
N LYS G 120 -2.99 -27.64 18.49
CA LYS G 120 -1.85 -27.44 19.44
C LYS G 120 -0.68 -28.37 19.09
N PRO G 121 0.56 -27.98 19.42
CA PRO G 121 1.73 -28.75 19.03
C PRO G 121 1.60 -30.16 19.59
N GLU G 122 1.00 -30.27 20.76
CA GLU G 122 0.86 -31.60 21.41
C GLU G 122 -0.13 -32.47 20.64
N ASN G 123 -1.01 -31.86 19.85
CA ASN G 123 -2.08 -32.65 19.19
C ASN G 123 -1.77 -32.84 17.70
N TYR G 124 -0.60 -32.37 17.26
CA TYR G 124 -0.22 -32.51 15.83
C TYR G 124 -0.25 -34.00 15.50
N ARG G 125 0.13 -34.84 16.44
CA ARG G 125 0.21 -36.30 16.20
C ARG G 125 -1.14 -37.00 16.46
N ARG G 126 -2.18 -36.25 16.82
CA ARG G 126 -3.54 -36.84 16.99
C ARG G 126 -4.34 -36.62 15.70
N LEU G 127 -3.70 -36.16 14.63
CA LEU G 127 -4.43 -35.80 13.37
C LEU G 127 -4.29 -36.92 12.33
N ASP G 128 -5.38 -37.27 11.63
CA ASP G 128 -5.35 -38.42 10.70
C ASP G 128 -4.66 -38.05 9.39
N ILE G 129 -3.36 -37.79 9.45
CA ILE G 129 -2.59 -37.50 8.24
C ILE G 129 -1.33 -38.39 8.20
N VAL G 130 -0.68 -38.49 7.05
CA VAL G 130 0.50 -39.30 6.96
C VAL G 130 1.56 -38.84 7.91
N ARG G 131 2.36 -39.79 8.34
CA ARG G 131 3.34 -39.46 9.30
C ARG G 131 4.36 -38.48 8.94
N SER G 132 4.65 -38.29 7.68
CA SER G 132 5.63 -37.33 7.34
C SER G 132 5.17 -35.95 7.68
N LEU G 133 3.89 -35.72 7.52
CA LEU G 133 3.32 -34.43 7.77
C LEU G 133 3.45 -34.02 9.19
N TYR G 134 3.45 -34.97 10.11
CA TYR G 134 3.66 -34.59 11.53
C TYR G 134 4.99 -33.86 11.67
N GLU G 135 6.03 -34.35 11.01
CA GLU G 135 7.33 -33.75 11.12
C GLU G 135 7.30 -32.35 10.54
N ASP G 136 6.70 -32.23 9.35
CA ASP G 136 6.55 -30.92 8.66
C ASP G 136 5.82 -29.90 9.53
N LEU G 137 4.72 -30.29 10.18
CA LEU G 137 3.95 -29.38 11.05
C LEU G 137 4.84 -28.87 12.19
N GLU G 138 5.70 -29.71 12.75
CA GLU G 138 6.56 -29.35 13.91
C GLU G 138 7.73 -28.48 13.44
N ASP G 139 8.04 -28.53 12.16
CA ASP G 139 9.08 -27.72 11.57
C ASP G 139 8.72 -26.24 11.43
N HIS G 140 8.52 -25.62 12.58
CA HIS G 140 8.05 -24.22 12.61
C HIS G 140 9.11 -23.36 11.94
N PRO G 141 8.70 -22.19 11.38
CA PRO G 141 9.64 -21.32 10.73
C PRO G 141 10.60 -20.76 11.78
N ASN G 142 11.83 -20.47 11.37
CA ASN G 142 12.81 -20.04 12.31
C ASN G 142 13.73 -19.11 11.58
N VAL G 143 13.81 -17.87 11.98
CA VAL G 143 14.65 -16.94 11.32
C VAL G 143 16.06 -17.36 11.14
N GLN G 144 16.69 -17.87 12.16
CA GLN G 144 18.06 -18.34 12.07
C GLN G 144 18.23 -19.34 10.97
N LYS G 145 17.35 -20.32 10.84
CA LYS G 145 17.44 -21.27 9.71
C LYS G 145 17.41 -20.54 8.36
N ASP G 146 16.54 -19.56 8.20
CA ASP G 146 16.43 -18.81 6.92
C ASP G 146 17.70 -17.99 6.67
N LEU G 147 18.28 -17.38 7.70
CA LEU G 147 19.55 -16.64 7.50
C LEU G 147 20.61 -17.61 6.99
N GLU G 148 20.56 -18.86 7.41
CA GLU G 148 21.48 -19.89 6.89
C GLU G 148 21.24 -20.10 5.40
N ARG G 149 19.97 -20.20 5.01
CA ARG G 149 19.62 -20.48 3.60
C ARG G 149 20.02 -19.30 2.74
N LEU G 150 19.77 -18.08 3.22
CA LEU G 150 20.12 -16.94 2.39
C LEU G 150 21.59 -16.82 2.16
N THR G 151 22.37 -17.07 3.16
CA THR G 151 23.77 -17.00 3.04
C THR G 151 24.27 -17.99 2.01
N GLN G 152 23.75 -19.21 2.06
CA GLN G 152 24.10 -20.26 1.13
C GLN G 152 23.86 -19.76 -0.31
N GLU G 153 22.83 -19.00 -0.56
CA GLU G 153 22.59 -18.51 -1.89
C GLU G 153 23.64 -17.54 -2.37
N ARG G 154 24.31 -16.91 -1.44
CA ARG G 154 25.45 -16.03 -1.64
C ARG G 154 25.08 -14.73 -2.25
N TYR H 5 7.93 7.69 40.43
CA TYR H 5 7.81 7.69 39.00
C TYR H 5 9.23 7.86 38.52
N LYS H 6 9.94 6.86 38.08
CA LYS H 6 11.31 7.17 37.65
C LYS H 6 11.34 7.96 36.37
N LEU H 7 12.12 8.96 36.33
CA LEU H 7 12.28 9.77 35.18
C LEU H 7 13.75 9.81 34.75
N VAL H 8 13.96 9.79 33.43
CA VAL H 8 15.35 9.81 32.90
C VAL H 8 15.51 11.06 32.04
N VAL H 9 16.53 11.84 32.33
CA VAL H 9 16.77 13.08 31.58
C VAL H 9 17.76 12.87 30.44
N VAL H 10 17.38 13.23 29.21
CA VAL H 10 18.24 12.92 28.04
C VAL H 10 18.43 14.12 27.11
N GLY H 11 19.64 14.32 26.59
CA GLY H 11 20.00 15.39 25.68
C GLY H 11 21.46 15.38 25.31
N ALA H 12 21.87 16.40 24.59
CA ALA H 12 23.26 16.55 24.22
C ALA H 12 24.03 17.17 25.35
N VAL H 13 25.28 16.80 25.50
CA VAL H 13 26.08 17.41 26.52
C VAL H 13 26.09 18.89 26.28
N GLY H 14 25.75 19.66 27.29
CA GLY H 14 25.75 21.09 27.17
C GLY H 14 24.40 21.71 27.24
N VAL H 15 23.36 20.88 27.17
CA VAL H 15 21.98 21.42 27.06
C VAL H 15 21.44 21.83 28.42
N GLY H 16 22.03 21.39 29.53
CA GLY H 16 21.44 21.81 30.77
C GLY H 16 20.59 20.80 31.47
N LYS H 17 21.01 19.55 31.40
CA LYS H 17 20.28 18.54 32.08
C LYS H 17 20.44 18.83 33.56
N SER H 18 21.66 18.65 34.04
CA SER H 18 21.90 18.77 35.50
C SER H 18 21.20 20.00 36.07
N ALA H 19 21.47 21.19 35.53
CA ALA H 19 20.88 22.37 35.99
C ALA H 19 19.41 22.15 36.01
N LEU H 20 18.79 21.58 35.00
CA LEU H 20 17.36 21.36 35.07
C LEU H 20 17.02 20.43 36.25
N THR H 21 17.78 19.39 36.48
CA THR H 21 17.46 18.49 37.55
C THR H 21 17.70 19.16 38.88
N ILE H 22 18.97 19.45 39.19
CA ILE H 22 19.32 20.01 40.51
C ILE H 22 18.41 21.20 40.82
N GLN H 23 18.20 22.08 39.85
CA GLN H 23 17.40 23.25 40.08
C GLN H 23 16.01 22.88 40.54
N LEU H 24 15.57 21.68 40.26
CA LEU H 24 14.28 21.29 40.81
C LEU H 24 14.54 20.54 42.10
N ILE H 25 15.53 19.66 42.10
CA ILE H 25 15.88 18.88 43.29
C ILE H 25 16.31 19.79 44.45
N GLN H 26 17.36 20.56 44.25
CA GLN H 26 17.89 21.48 45.25
C GLN H 26 17.58 23.01 45.13
N ASN H 27 16.57 23.35 44.31
CA ASN H 27 16.17 24.76 44.08
C ASN H 27 17.29 25.82 43.90
N HIS H 28 18.40 25.52 43.28
CA HIS H 28 19.40 26.54 43.04
C HIS H 28 20.21 26.13 41.81
N PHE H 29 20.35 27.06 40.88
CA PHE H 29 21.02 26.95 39.60
C PHE H 29 22.49 26.75 39.84
N VAL H 30 23.01 25.59 39.52
CA VAL H 30 24.40 25.30 39.71
C VAL H 30 25.08 25.89 38.52
N ASP H 31 25.82 26.96 38.69
CA ASP H 31 26.43 27.57 37.53
C ASP H 31 27.44 26.71 36.82
N GLU H 32 27.78 25.53 37.32
CA GLU H 32 28.69 24.66 36.52
C GLU H 32 28.74 23.27 37.15
N TYR H 33 28.43 22.24 36.35
CA TYR H 33 28.53 20.84 36.85
C TYR H 33 29.34 20.01 35.86
N ASP H 34 30.11 19.05 36.36
CA ASP H 34 30.98 18.26 35.46
C ASP H 34 30.06 17.56 34.46
N PRO H 35 30.33 17.67 33.15
CA PRO H 35 29.56 16.94 32.17
C PRO H 35 29.99 15.48 32.12
N THR H 36 30.27 14.87 33.27
CA THR H 36 30.60 13.48 33.21
C THR H 36 30.11 12.81 34.46
N ILE H 37 29.05 13.36 35.04
CA ILE H 37 28.56 12.83 36.34
C ILE H 37 27.12 12.32 36.21
N GLU H 38 26.94 11.02 36.39
CA GLU H 38 25.60 10.41 36.28
C GLU H 38 25.18 9.89 37.67
N ASP H 39 24.07 10.41 38.19
CA ASP H 39 23.54 9.97 39.50
C ASP H 39 22.05 10.32 39.49
N SER H 40 21.24 9.73 40.37
CA SER H 40 19.83 10.12 40.32
C SER H 40 19.31 10.63 41.65
N TYR H 41 18.38 11.57 41.54
CA TYR H 41 17.88 12.24 42.74
C TYR H 41 16.41 11.89 42.96
N ARG H 42 15.91 12.15 44.17
CA ARG H 42 14.51 11.92 44.52
C ARG H 42 13.92 13.06 45.31
N LYS H 43 12.83 13.63 44.83
CA LYS H 43 12.13 14.66 45.59
C LYS H 43 10.72 14.22 45.76
N GLN H 44 10.02 14.85 46.73
CA GLN H 44 8.65 14.47 47.05
C GLN H 44 7.73 15.61 46.81
N VAL H 45 7.13 15.58 45.62
CA VAL H 45 6.28 16.67 45.19
C VAL H 45 4.81 16.42 45.28
N VAL H 46 4.04 17.46 45.26
CA VAL H 46 2.61 17.30 45.27
C VAL H 46 2.06 17.69 43.92
N ILE H 47 1.33 16.84 43.23
CA ILE H 47 0.78 17.31 41.98
C ILE H 47 -0.65 16.84 41.84
N ASP H 48 -1.60 17.81 41.89
CA ASP H 48 -3.05 17.66 41.91
C ASP H 48 -3.44 17.00 43.20
N GLY H 49 -2.71 17.34 44.25
CA GLY H 49 -2.98 16.74 45.58
C GLY H 49 -2.11 15.52 45.79
N GLU H 50 -2.02 14.68 44.76
CA GLU H 50 -1.25 13.43 44.93
C GLU H 50 0.15 13.86 45.36
N THR H 51 0.64 13.33 46.47
CA THR H 51 2.04 13.61 46.87
C THR H 51 2.81 12.41 46.33
N CYS H 52 3.92 12.65 45.63
CA CYS H 52 4.59 11.55 44.97
C CYS H 52 6.11 11.53 45.07
N LEU H 53 6.71 10.37 44.89
CA LEU H 53 8.17 10.34 44.88
C LEU H 53 8.66 10.36 43.43
N LEU H 54 9.78 11.04 43.16
CA LEU H 54 10.34 11.14 41.83
C LEU H 54 11.82 10.75 41.82
N ASP H 55 12.19 9.72 41.05
CA ASP H 55 13.61 9.35 40.93
C ASP H 55 14.02 9.80 39.58
N ILE H 56 14.88 10.80 39.53
CA ILE H 56 15.24 11.37 38.28
C ILE H 56 16.67 11.12 37.95
N LEU H 57 16.95 10.36 36.92
CA LEU H 57 18.30 10.09 36.51
C LEU H 57 18.89 11.20 35.63
N ASP H 58 20.07 11.72 35.95
CA ASP H 58 20.67 12.73 35.10
C ASP H 58 21.77 11.99 34.40
N THR H 59 21.61 11.71 33.13
CA THR H 59 22.55 10.94 32.40
C THR H 59 23.74 11.66 31.89
N ALA H 60 24.84 10.99 31.70
CA ALA H 60 26.04 11.58 31.22
C ALA H 60 26.95 10.49 30.85
N GLY H 61 27.86 10.79 29.97
CA GLY H 61 28.82 9.82 29.54
C GLY H 61 28.86 9.74 28.05
N GLN H 62 29.75 8.87 27.55
CA GLN H 62 29.89 8.72 26.09
C GLN H 62 28.77 7.85 25.54
N GLU H 63 28.63 7.85 24.23
CA GLU H 63 27.63 6.96 23.61
C GLU H 63 27.99 5.52 23.89
N GLU H 64 27.00 4.72 24.25
CA GLU H 64 27.22 3.28 24.44
C GLU H 64 25.92 2.61 24.04
N TYR H 65 25.94 1.87 22.95
CA TYR H 65 24.73 1.18 22.61
C TYR H 65 25.09 -0.27 22.85
N SER H 66 25.04 -0.61 24.14
CA SER H 66 25.36 -1.96 24.62
C SER H 66 24.11 -2.49 25.33
N ALA H 67 24.08 -3.77 25.66
CA ALA H 67 22.95 -4.31 26.43
C ALA H 67 22.87 -3.63 27.79
N MET H 68 23.97 -3.54 28.51
CA MET H 68 23.90 -2.99 29.89
C MET H 68 23.27 -1.60 29.83
N ARG H 69 23.78 -0.70 29.01
CA ARG H 69 23.20 0.65 29.02
C ARG H 69 21.76 0.72 28.53
N ASP H 70 21.40 -0.10 27.58
CA ASP H 70 20.04 -0.14 27.07
C ASP H 70 19.19 -0.52 28.20
N GLN H 71 19.58 -1.51 28.96
CA GLN H 71 18.80 -1.92 30.09
C GLN H 71 18.84 -0.93 31.23
N TYR H 72 19.87 -0.11 31.37
CA TYR H 72 19.81 0.85 32.46
C TYR H 72 18.78 1.77 32.05
N MET H 73 18.86 2.23 30.81
CA MET H 73 17.89 3.21 30.27
C MET H 73 16.47 2.63 30.16
N ARG H 74 16.33 1.32 30.07
CA ARG H 74 15.02 0.74 29.96
C ARG H 74 14.22 0.94 31.23
N THR H 75 14.87 0.94 32.38
CA THR H 75 14.23 1.14 33.62
C THR H 75 13.39 2.37 33.63
N GLY H 76 13.75 3.48 33.00
CA GLY H 76 12.94 4.70 33.12
C GLY H 76 11.50 4.62 32.64
N GLU H 77 10.52 5.10 33.44
CA GLU H 77 9.16 5.08 33.12
C GLU H 77 8.84 6.18 32.29
N GLY H 78 9.65 7.25 32.32
CA GLY H 78 9.36 8.46 31.54
C GLY H 78 10.64 9.21 31.19
N PHE H 79 10.70 9.79 29.99
CA PHE H 79 11.97 10.41 29.55
C PHE H 79 11.79 11.89 29.21
N LEU H 80 12.76 12.71 29.59
CA LEU H 80 12.68 14.14 29.19
C LEU H 80 13.71 14.32 28.07
N CYS H 81 13.25 14.61 26.86
CA CYS H 81 14.20 14.91 25.77
C CYS H 81 14.50 16.42 25.84
N VAL H 82 15.72 16.77 26.21
CA VAL H 82 16.04 18.20 26.47
C VAL H 82 17.02 18.76 25.43
N PHE H 83 16.78 19.97 24.96
CA PHE H 83 17.66 20.65 23.98
C PHE H 83 17.77 22.12 24.32
N ALA H 84 18.76 22.80 23.76
CA ALA H 84 19.01 24.21 24.12
C ALA H 84 18.69 25.13 22.93
N ILE H 85 18.06 26.28 23.21
CA ILE H 85 17.67 27.24 22.14
C ILE H 85 18.90 28.00 21.68
N ASN H 86 20.08 27.70 22.24
CA ASN H 86 21.25 28.44 21.84
C ASN H 86 21.93 27.67 20.76
N ASN H 87 21.73 26.36 20.73
CA ASN H 87 22.42 25.53 19.76
C ASN H 87 21.44 24.71 19.00
N THR H 88 21.55 24.74 17.70
CA THR H 88 20.64 24.01 16.84
C THR H 88 20.99 22.57 16.76
N LYS H 89 22.21 22.18 17.11
CA LYS H 89 22.46 20.78 17.03
C LYS H 89 21.67 20.04 18.06
N SER H 90 21.33 20.68 19.17
CA SER H 90 20.60 19.92 20.23
C SER H 90 19.22 19.53 19.70
N PHE H 91 18.48 20.48 19.14
CA PHE H 91 17.14 20.20 18.60
C PHE H 91 17.26 19.09 17.57
N GLU H 92 18.38 19.07 16.85
CA GLU H 92 18.46 18.10 15.81
C GLU H 92 18.64 16.76 16.32
N ASP H 93 19.37 16.57 17.40
CA ASP H 93 19.57 15.28 17.95
C ASP H 93 18.35 14.75 18.65
N ILE H 94 17.40 15.61 19.03
CA ILE H 94 16.19 15.16 19.78
C ILE H 94 15.58 13.94 19.08
N HIS H 95 15.40 14.02 17.76
CA HIS H 95 14.83 12.90 16.96
C HIS H 95 15.51 11.60 17.37
N HIS H 96 16.83 11.57 17.29
CA HIS H 96 17.56 10.33 17.60
C HIS H 96 17.35 9.88 19.03
N TYR H 97 17.28 10.83 19.96
CA TYR H 97 17.12 10.47 21.39
C TYR H 97 15.75 9.79 21.57
N ARG H 98 14.70 10.41 21.08
CA ARG H 98 13.34 9.84 21.19
C ARG H 98 13.38 8.47 20.53
N GLU H 99 14.02 8.40 19.38
CA GLU H 99 14.03 7.14 18.65
C GLU H 99 14.77 6.10 19.48
N GLN H 100 15.88 6.45 20.14
CA GLN H 100 16.48 5.39 20.89
C GLN H 100 15.64 5.07 22.06
N ILE H 101 14.93 6.01 22.67
CA ILE H 101 14.01 5.69 23.81
C ILE H 101 12.96 4.67 23.38
N LYS H 102 12.37 4.85 22.20
CA LYS H 102 11.42 3.97 21.72
C LYS H 102 11.89 2.56 21.44
N ARG H 103 13.15 2.39 21.15
CA ARG H 103 13.69 1.09 20.92
C ARG H 103 13.88 0.26 22.14
N VAL H 104 14.27 0.85 23.27
CA VAL H 104 14.55 0.11 24.49
C VAL H 104 13.30 -0.12 25.25
N LYS H 105 12.38 0.82 25.17
CA LYS H 105 11.07 0.62 25.84
C LYS H 105 10.15 -0.13 24.88
N ASP H 106 10.68 -0.62 23.75
CA ASP H 106 9.89 -1.38 22.78
C ASP H 106 8.52 -0.82 22.44
N SER H 107 8.43 0.50 22.29
CA SER H 107 7.17 1.12 21.93
C SER H 107 7.26 2.48 21.27
N GLU H 108 6.23 2.84 20.51
CA GLU H 108 6.14 4.15 19.90
C GLU H 108 5.54 5.09 20.87
N ASP H 109 4.75 4.58 21.79
CA ASP H 109 4.22 5.50 22.74
C ASP H 109 4.94 5.50 24.07
N VAL H 110 5.90 6.40 24.21
CA VAL H 110 6.67 6.46 25.48
C VAL H 110 6.29 7.77 26.15
N PRO H 111 5.99 7.77 27.46
CA PRO H 111 5.66 9.02 28.08
C PRO H 111 6.94 9.87 28.03
N MET H 112 6.88 11.03 27.39
CA MET H 112 8.06 11.92 27.35
C MET H 112 7.64 13.38 27.07
N VAL H 113 8.59 14.30 27.16
CA VAL H 113 8.32 15.75 26.90
C VAL H 113 9.51 16.35 26.17
N LEU H 114 9.30 17.37 25.34
CA LEU H 114 10.42 18.08 24.67
C LEU H 114 10.73 19.33 25.47
N VAL H 115 11.94 19.44 26.00
CA VAL H 115 12.27 20.62 26.86
C VAL H 115 13.20 21.55 26.07
N GLY H 116 12.69 22.72 25.72
CA GLY H 116 13.56 23.70 25.08
C GLY H 116 14.20 24.50 26.19
N ASN H 117 15.46 24.22 26.47
CA ASN H 117 16.07 24.88 27.64
C ASN H 117 16.87 26.11 27.21
N LYS H 118 17.42 26.81 28.18
CA LYS H 118 18.24 28.00 28.02
C LYS H 118 17.45 29.07 27.35
N SER H 119 16.17 29.10 27.68
CA SER H 119 15.17 30.02 27.14
C SER H 119 15.16 31.37 27.74
N ASP H 120 16.19 31.60 28.56
CA ASP H 120 16.39 32.85 29.23
C ASP H 120 17.38 33.69 28.48
N LEU H 121 18.41 33.04 27.96
CA LEU H 121 19.47 33.76 27.30
C LEU H 121 18.95 34.46 26.09
N PRO H 122 19.63 35.54 25.71
CA PRO H 122 19.18 36.35 24.58
C PRO H 122 19.13 35.64 23.26
N SER H 123 20.27 35.20 22.75
CA SER H 123 20.34 34.62 21.44
C SER H 123 19.46 33.42 21.36
N ARG H 124 18.60 33.32 20.37
CA ARG H 124 17.76 32.18 20.25
C ARG H 124 18.14 31.61 18.94
N THR H 125 18.37 30.31 18.89
CA THR H 125 18.75 29.64 17.63
C THR H 125 17.68 28.78 16.94
N VAL H 126 16.78 28.25 17.74
CA VAL H 126 15.66 27.44 17.19
C VAL H 126 14.37 28.17 17.53
N ASP H 127 13.55 28.48 16.52
CA ASP H 127 12.36 29.19 16.79
C ASP H 127 11.49 28.34 17.68
N THR H 128 10.68 28.95 18.50
CA THR H 128 9.84 28.17 19.34
C THR H 128 8.74 27.57 18.55
N LYS H 129 8.23 28.22 17.53
CA LYS H 129 7.17 27.55 16.76
C LYS H 129 7.56 26.22 16.13
N GLN H 130 8.83 26.04 15.79
CA GLN H 130 9.24 24.83 15.09
C GLN H 130 9.32 23.71 16.11
N ALA H 131 9.55 24.10 17.35
CA ALA H 131 9.58 23.13 18.47
C ALA H 131 8.14 22.89 18.88
N GLN H 132 7.29 23.86 18.63
CA GLN H 132 5.91 23.61 18.91
C GLN H 132 5.51 22.66 17.80
N ASP H 133 5.99 22.87 16.60
CA ASP H 133 5.66 22.01 15.47
C ASP H 133 6.16 20.60 15.66
N LEU H 134 7.39 20.45 16.16
CA LEU H 134 7.95 19.09 16.31
C LEU H 134 7.15 18.34 17.37
N ALA H 135 6.84 18.99 18.48
CA ALA H 135 6.12 18.31 19.57
C ALA H 135 4.76 17.81 19.06
N ARG H 136 4.06 18.64 18.31
CA ARG H 136 2.72 18.29 17.79
C ARG H 136 2.83 17.07 16.87
N SER H 137 3.88 17.03 16.04
CA SER H 137 4.10 15.87 15.14
C SER H 137 4.29 14.63 15.99
N TYR H 138 4.97 14.78 17.12
CA TYR H 138 5.18 13.66 18.05
C TYR H 138 3.89 13.32 18.80
N GLY H 139 3.17 14.35 19.25
CA GLY H 139 1.98 14.11 20.08
C GLY H 139 2.33 14.24 21.55
N ILE H 140 3.41 14.95 21.84
CA ILE H 140 3.89 15.07 23.24
C ILE H 140 4.03 16.56 23.55
N PRO H 141 3.99 16.98 24.82
CA PRO H 141 4.08 18.39 25.16
C PRO H 141 5.43 19.03 24.93
N PHE H 142 5.46 20.35 24.75
CA PHE H 142 6.71 21.07 24.61
C PHE H 142 6.73 22.12 25.65
N ILE H 143 7.76 22.11 26.46
CA ILE H 143 7.89 23.10 27.48
C ILE H 143 9.10 23.92 27.18
N GLU H 144 9.00 25.22 27.38
CA GLU H 144 10.16 26.04 27.24
C GLU H 144 10.56 26.23 28.66
N THR H 145 11.75 25.76 29.00
CA THR H 145 12.18 25.83 30.36
C THR H 145 13.37 26.69 30.54
N SER H 146 13.87 26.70 31.75
CA SER H 146 15.04 27.48 32.06
C SER H 146 15.60 27.12 33.38
N ALA H 147 16.84 26.70 33.46
CA ALA H 147 17.44 26.41 34.69
C ALA H 147 18.06 27.62 35.34
N LYS H 148 17.94 28.83 34.78
CA LYS H 148 18.31 30.03 35.55
C LYS H 148 17.20 30.67 36.37
N THR H 149 16.14 31.13 35.72
CA THR H 149 14.99 31.77 36.38
C THR H 149 13.98 30.80 36.88
N ARG H 150 14.24 29.51 36.71
CA ARG H 150 13.35 28.43 37.03
C ARG H 150 12.12 28.65 36.19
N GLN H 151 12.33 29.09 34.96
CA GLN H 151 11.20 29.37 34.11
C GLN H 151 10.73 28.08 33.41
N GLY H 152 9.67 27.48 33.92
CA GLY H 152 9.13 26.29 33.35
C GLY H 152 9.60 24.99 33.94
N VAL H 153 10.58 25.04 34.81
CA VAL H 153 11.17 23.85 35.35
C VAL H 153 10.21 22.91 36.00
N ASP H 154 9.53 23.37 37.02
CA ASP H 154 8.60 22.57 37.73
C ASP H 154 7.56 22.01 36.80
N ASP H 155 6.92 22.85 36.03
CA ASP H 155 5.86 22.39 35.15
C ASP H 155 6.26 21.37 34.14
N ALA H 156 7.48 21.52 33.64
CA ALA H 156 8.05 20.59 32.65
C ALA H 156 8.12 19.21 33.27
N PHE H 157 8.71 19.09 34.44
CA PHE H 157 8.79 17.79 35.06
C PHE H 157 7.41 17.35 35.48
N TYR H 158 6.56 18.25 35.90
CA TYR H 158 5.28 17.79 36.39
C TYR H 158 4.53 17.29 35.28
N THR H 159 4.44 18.03 34.20
CA THR H 159 3.67 17.57 33.04
C THR H 159 4.12 16.22 32.47
N LEU H 160 5.42 15.93 32.57
CA LEU H 160 5.89 14.59 32.16
C LEU H 160 5.11 13.57 33.00
N VAL H 161 5.10 13.71 34.33
CA VAL H 161 4.39 12.67 35.08
C VAL H 161 2.92 12.68 34.80
N ARG H 162 2.35 13.80 34.41
CA ARG H 162 0.96 13.84 33.99
C ARG H 162 0.80 12.97 32.74
N GLU H 163 1.77 12.96 31.83
CA GLU H 163 1.68 12.09 30.65
C GLU H 163 1.97 10.62 30.91
N ILE H 164 2.80 10.34 31.90
CA ILE H 164 3.07 8.99 32.30
C ILE H 164 1.81 8.45 32.92
N ARG H 165 1.12 9.28 33.66
CA ARG H 165 -0.06 8.81 34.35
C ARG H 165 -0.99 8.21 33.36
N LYS H 166 -1.25 8.89 32.26
CA LYS H 166 -2.25 8.35 31.36
C LYS H 166 -1.87 6.95 30.87
N HIS H 167 -0.66 6.77 30.36
CA HIS H 167 -0.22 5.43 29.98
C HIS H 167 0.32 4.76 31.24
PB GDP I . 22.48 -6.69 -37.61
O1B GDP I . 22.82 -5.48 -38.43
O2B GDP I . 21.14 -7.25 -37.93
O3B GDP I . 22.70 -6.50 -36.14
O3A GDP I . 23.51 -7.82 -38.05
PA GDP I . 23.64 -8.43 -39.52
O1A GDP I . 24.04 -7.34 -40.45
O2A GDP I . 22.41 -9.22 -39.81
O5' GDP I . 24.88 -9.43 -39.32
C5' GDP I . 24.82 -10.44 -38.29
C4' GDP I . 26.09 -11.25 -38.38
O4' GDP I . 25.84 -12.59 -37.91
C3' GDP I . 26.62 -11.42 -39.81
O3' GDP I . 28.02 -11.59 -39.81
C2' GDP I . 25.88 -12.67 -40.27
O2' GDP I . 26.60 -13.37 -41.26
C1' GDP I . 25.78 -13.48 -38.99
N9 GDP I . 24.55 -14.26 -38.89
C8 GDP I . 23.30 -13.84 -39.26
N7 GDP I . 22.37 -14.74 -39.05
C5 GDP I . 23.05 -15.81 -38.49
C6 GDP I . 22.56 -17.06 -38.05
O6 GDP I . 21.40 -17.48 -38.08
N1 GDP I . 23.59 -17.86 -37.56
C2 GDP I . 24.91 -17.50 -37.48
N2 GDP I . 25.75 -18.40 -36.97
N3 GDP I . 25.37 -16.32 -37.89
C4 GDP I . 24.39 -15.52 -38.37
N1 X4R J . 22.31 2.41 -24.11
C4 X4R J . 14.22 0.00 -29.93
C5 X4R J . 15.07 1.25 -30.09
C6 X4R J . 12.94 2.32 -29.60
C7 X4R J . 14.26 2.36 -29.84
C8 X4R J . 14.72 3.64 -29.93
N12 X4R J . 13.91 5.85 -29.82
C15 X4R J . 16.26 1.20 -29.31
C20 X4R J . 19.60 0.77 -28.51
C22 X4R J . 21.42 0.50 -27.20
C24 X4R J . 21.71 0.44 -29.41
C28 X4R J . 23.90 1.75 -25.95
C11 X4R J . 16.00 4.01 -30.32
C14 X4R J . 15.43 1.50 -31.54
C18 X4R J . 18.15 0.94 -28.60
C2 X4R J . 12.10 1.11 -29.68
C25 X4R J . 20.38 0.62 -29.63
C27 X4R J . 23.38 0.34 -25.82
C29 X4R J . 21.16 0.55 -24.87
C3 X4R J . 12.83 0.13 -30.47
C30 X4R J . 23.69 2.50 -24.68
C31 X4R J . 21.92 1.13 -23.74
C32 X4R J . 20.82 -0.86 -24.48
C33 X4R J . 22.28 3.42 -22.98
C34 X4R J . 20.90 3.82 -22.50
C35 X4R J . 20.88 5.06 -21.71
C36 X4R J . 19.55 5.65 -21.56
C37 X4R J . 19.48 6.78 -20.58
C38 X4R J . 18.17 7.51 -20.45
C40 X4R J . 15.81 7.57 -21.00
C41 X4R J . 14.98 6.45 -20.37
C43 X4R J . 15.23 8.24 -22.28
C44 X4R J . 14.87 7.27 -23.37
C45 X4R J . 14.00 9.09 -21.99
C46 X4R J . 16.29 9.15 -22.85
C49 X4R J . 13.43 5.65 -18.70
C50 X4R J . 12.54 6.39 -17.71
C51 X4R J . 13.20 7.73 -17.49
C52 X4R J . 13.95 8.01 -18.77
C54 X4R J . 12.53 4.85 -19.61
C57 X4R J . 11.26 2.82 -19.91
C58 X4R J . 9.90 3.02 -19.31
C59 X4R J . 9.65 3.69 -18.14
C60 X4R J . 8.40 3.68 -17.58
C61 X4R J . 7.36 3.00 -18.16
C62 X4R J . 7.60 2.38 -19.37
C63 X4R J . 8.86 2.39 -19.92
C64 X4R J . 6.06 2.91 -17.50
C66 X4R J . 4.13 3.29 -16.22
C68 X4R J . 5.15 1.90 -17.49
C69 X4R J . 5.27 0.58 -18.16
C9 X4R J . 13.77 4.58 -29.75
N13 X4R J . 17.02 4.22 -30.66
N17 X4R J . 17.42 1.00 -27.52
N19 X4R J . 17.46 1.05 -29.74
N21 X4R J . 20.11 0.72 -27.28
N23 X4R J . 22.26 0.37 -28.20
N26 X4R J . 21.93 0.27 -25.96
N39 X4R J . 17.14 7.06 -21.18
N48 X4R J . 14.18 6.71 -19.34
N56 X4R J . 12.36 3.59 -19.35
N67 X4R J . 4.02 2.14 -16.76
O16 X4R J . 16.15 1.18 -28.00
O42 X4R J . 18.07 8.46 -19.73
O47 X4R J . 15.11 5.33 -20.78
O53 X4R J . 14.05 7.65 -16.39
O55 X4R J . 11.93 5.38 -20.49
S10 X4R J . 12.26 3.85 -29.46
S65 X4R J . 5.55 4.15 -16.58
MG MG K . 22.59 -3.78 -41.26
PB GDP L . 24.46 18.97 30.80
O1B GDP L . 23.70 18.48 31.99
O2B GDP L . 25.87 18.50 30.77
O3B GDP L . 23.73 18.73 29.50
O3A GDP L . 24.51 20.56 30.97
PA GDP L . 24.78 21.41 32.30
O1A GDP L . 23.59 21.28 33.19
O2A GDP L . 26.11 21.03 32.84
O5' GDP L . 24.84 22.90 31.72
C5' GDP L . 26.08 23.34 31.12
C4' GDP L . 26.25 24.81 31.40
O4' GDP L . 25.17 25.51 30.75
C3' GDP L . 26.18 25.20 32.87
O3' GDP L . 27.48 25.29 33.43
C2' GDP L . 25.47 26.56 32.87
O2' GDP L . 26.38 27.63 32.98
C1' GDP L . 24.71 26.58 31.55
N9 GDP L . 23.27 26.42 31.70
C8 GDP L . 22.60 25.28 32.08
N7 GDP L . 21.30 25.45 32.14
C5 GDP L . 21.11 26.78 31.79
C6 GDP L . 19.90 27.53 31.68
O6 GDP L . 18.75 27.15 31.88
N1 GDP L . 20.17 28.85 31.30
C2 GDP L . 21.41 29.37 31.05
N2 GDP L . 21.44 30.65 30.70
N3 GDP L . 22.54 28.67 31.15
C4 GDP L . 22.31 27.40 31.53
N1 X4R M . 25.48 9.82 17.26
C4 X4R M . 19.12 7.94 24.93
C5 X4R M . 20.54 7.41 25.06
C6 X4R M . 19.33 5.22 25.19
C7 X4R M . 20.46 5.93 25.06
C8 X4R M . 21.56 5.12 24.90
N12 X4R M . 22.11 2.77 24.97
C15 X4R M . 21.18 8.16 24.00
C20 X4R M . 23.69 9.98 22.44
C22 X4R M . 24.78 11.02 20.76
C24 X4R M . 25.42 11.46 22.87
C28 X4R M . 26.88 11.80 18.12
C11 X4R M . 22.82 5.61 24.77
C14 X4R M . 21.23 7.87 26.33
C18 X4R M . 22.48 9.25 22.85
C2 X4R M . 18.01 5.78 25.52
C25 X4R M . 24.50 10.59 23.37
C27 X4R M . 25.76 12.28 19.00
C29 X4R M . 23.89 10.80 18.57
C3 X4R M . 18.14 7.24 25.83
C30 X4R M . 26.82 10.47 17.40
C31 X4R M . 24.46 10.71 17.18
C32 X4R M . 22.91 11.94 18.58
C33 X4R M . 25.50 8.81 16.16
C34 X4R M . 24.60 7.62 16.34
C35 X4R M . 24.80 6.55 15.34
C36 X4R M . 24.51 5.18 15.80
C37 X4R M . 24.46 4.18 14.68
C38 X4R M . 23.75 2.88 14.92
C40 X4R M . 21.82 1.81 15.98
C41 X4R M . 20.40 2.31 15.68
C43 X4R M . 21.91 1.12 17.36
C44 X4R M . 23.35 0.72 17.66
C45 X4R M . 21.44 2.07 18.44
C46 X4R M . 21.08 -0.14 17.38
C49 X4R M . 18.32 2.11 14.56
C50 X4R M . 17.68 0.99 13.79
C51 X4R M . 18.80 0.09 13.29
C52 X4R M . 19.89 0.28 14.32
C54 X4R M . 17.32 2.32 15.67
C57 X4R M . 15.35 3.65 16.17
C58 X4R M . 14.29 2.60 16.06
C59 X4R M . 14.24 1.77 14.99
C60 X4R M . 13.11 1.06 14.70
C61 X4R M . 12.00 1.16 15.48
C62 X4R M . 12.08 1.94 16.62
C63 X4R M . 13.21 2.65 16.89
C64 X4R M . 10.78 0.51 15.04
C66 X4R M . 9.24 -0.94 14.12
C68 X4R M . 9.50 0.84 15.23
C69 X4R M . 8.98 1.99 16.02
C9 X4R M . 21.26 3.78 24.92
N13 X4R M . 23.77 6.10 24.68
N17 X4R M . 21.67 8.72 21.97
N19 X4R M . 22.18 8.95 24.12
N21 X4R M . 23.85 10.13 21.12
N23 X4R M . 25.56 11.72 21.57
N26 X4R M . 24.89 11.20 19.44
N39 X4R M . 22.74 2.91 15.79
N48 X4R M . 19.64 1.58 14.88
N56 X4R M . 16.66 3.43 15.59
N67 X4R M . 8.63 -0.04 14.65
O16 X4R M . 20.80 7.96 22.74
O42 X4R M . 24.07 1.88 14.32
O47 X4R M . 19.96 3.25 16.28
O53 X4R M . 19.10 0.56 12.02
O55 X4R M . 17.13 1.48 16.52
S10 X4R M . 19.60 3.54 25.07
S65 X4R M . 10.88 -0.84 14.21
MG MG N . 26.12 16.87 33.23
#